data_5SW8
#
_entry.id   5SW8
#
_cell.length_a   115.648
_cell.length_b   117.819
_cell.length_c   152.512
_cell.angle_alpha   90.000
_cell.angle_beta   90.000
_cell.angle_gamma   90.000
#
_symmetry.space_group_name_H-M   'P 21 21 21'
#
loop_
_entity.id
_entity.type
_entity.pdbx_description
1 polymer 'Phosphatidylinositol 4,5-bisphosphate 3-kinase catalytic subunit alpha isoform'
2 polymer 'Phosphatidylinositol 3-kinase regulatory subunit alpha'
3 non-polymer '4-(2-HYDROXYETHYL)-1-PIPERAZINE ETHANESULFONIC ACID'
4 non-polymer 2H-indazol-5-amine
5 non-polymer 2-CHLOROBENZENESULFONAMIDE
#
loop_
_entity_poly.entity_id
_entity_poly.type
_entity_poly.pdbx_seq_one_letter_code
_entity_poly.pdbx_strand_id
1 'polypeptide(L)'
;MSYYHHHHHHDYDIPTTENLYFQGAMGSMPPRPSSGELWGIHLMPPRILVECLLPNGMIVTLECLREATLITIKHELFKE
ARKYPLHQLLQDESSYIFVSVTQEAEREEFFDETRRLCDLRLFQPFLKVIEPVGNREEKILNREIGFAIGMPVCEFDMVK
DPEVQDFRRNILNVCKEAVDLRDLNSPHSRAMYVYPPNVESSPELPKHIYNKLDKGQIIVVIWVIVSPNNDKQKYTLKIN
HDCVPEQVIAEAIRKKTRSMLLSSEQLKLCVLEYQGKYILKVCGCDEYFLEKYPLSQYKYIRSCIMLGRMPNLMLMAKES
LYSQLPMDCFTMPSYSRRISTATPYMNGETSTKSLWVINSALRIKILCATYVNVNIRDIDKIYVRTGIYHGGEPLCDNVN
TQRVPCSNPRWNEWLNYDIYIPDLPRAARLCLSICSVKGRKGAKEEHCPLAWGNINLFDYTDTLVSGKMALNLWPVPHGL
EDLLNPIGVTGSNPNKETPCLELEFDWFSSVVKFPDMSVIEEHANWSVSREAGFSYSHAGLSNRLARDNELRENDKEQLK
AISTRDPLSEITEQEKDFLWSHRHYCVTIPEILPKLLLSVKWNSRDEVAQMYCLVKDWPPIKPEQAMELLDCNYPDPMVR
GFAVRCLEKYLTDDKLSQYLIQLVQVLKYEQYLDNLLVRFLLKKALTNQRIGHFFFWHLKSEMHNKTVSQRFGLLLESYC
RACGMYLKHLNRQVEAMEKLINLTDILKQEKKDETQKVQMKFLVEQMRRPDFMDALQGFLSPLNPAHQLGNLRLEECRIM
SSAKRPLWLNWENPDIM(SEP)ELLFQNNEIIFKNGDDLRQDMLTLQIIRIMENIWQNQGLDLRMLPYGCLSIGDCVGLI
EVVRNSHTIMQIQCKGGLKGALQFNSHTLHQWLKDKNKGEIYDAAIDLFTRSCAGYCVATFILGIGDRHNSNIMVKDDGQ
LFHIDFGHFLDHKKKKFGYKRERVPFVLTQDFLIVISKGAQECTKTREFERFQEMCYKAYLAIRQHANLFINLFSMMLGS
GMPELQSFDDIAYIRKTLALDKTEQEALEYFMKQMNDAHHGGWTTKMDWIFHTIKQHALN
;
A
2 'polypeptide(L)'
;MNNNMSLQDAEWYWGDISREEVNEKLRDTADGTFLVRDASTKMHGDYTLTLRKGGNNKLIKIFHRDGKYGFSDPLTFSSV
VELINHYRNESLAQYNPKLDVKLLYPVSKYQQDQVVKEDNIEAVGKKLHEYNTQFQEKSREYDRLYEEYTRTSQEIQMKR
TAIEAFNETIKIFEEQCQTQERYSKEYIEKFKREGNEKEIQRIMHNYDKLKSRISEIIDSRRRLEEDLKKQAAEYREIDK
RMNSIKPDLIQLRKTRDQYLMWLTQKGVRQKKLNEWLGN
;
B
#
loop_
_chem_comp.id
_chem_comp.type
_chem_comp.name
_chem_comp.formula
70S non-polymer 2H-indazol-5-amine 'C7 H7 N3'
EPE non-polymer '4-(2-HYDROXYETHYL)-1-PIPERAZINE ETHANESULFONIC ACID' 'C8 H18 N2 O4 S'
FB1 non-polymer 2-CHLOROBENZENESULFONAMIDE 'C6 H6 Cl N O2 S'
#
# COMPACT_ATOMS: atom_id res chain seq x y z
N SER A 2 44.43 31.05 6.13
CA SER A 2 44.04 31.68 4.82
C SER A 2 42.93 30.92 4.09
N TYR A 3 42.24 30.01 4.81
CA TYR A 3 41.28 29.09 4.20
C TYR A 3 39.85 29.66 4.20
N TYR A 4 39.45 30.34 5.27
CA TYR A 4 38.09 30.88 5.40
C TYR A 4 38.09 32.36 5.75
N HIS A 5 39.02 33.12 5.18
CA HIS A 5 39.23 34.54 5.55
C HIS A 5 39.09 34.83 7.08
N HIS A 6 39.78 34.00 7.87
CA HIS A 6 39.81 34.05 9.36
C HIS A 6 38.49 34.38 10.00
N HIS A 7 37.39 34.00 9.34
CA HIS A 7 36.05 34.38 9.76
C HIS A 7 35.49 33.28 10.63
N HIS A 8 35.11 33.64 11.85
CA HIS A 8 34.61 32.69 12.82
C HIS A 8 33.13 32.42 12.60
N HIS A 9 32.72 31.19 12.90
CA HIS A 9 31.31 30.82 12.97
C HIS A 9 31.06 30.61 14.45
N HIS A 10 30.33 31.55 15.05
CA HIS A 10 30.10 31.52 16.50
C HIS A 10 29.03 30.49 16.93
N ASP A 11 28.03 30.29 16.08
CA ASP A 11 26.95 29.32 16.32
C ASP A 11 27.43 27.88 16.47
N TYR A 12 28.48 27.50 15.75
CA TYR A 12 28.91 26.10 15.68
C TYR A 12 29.45 25.58 17.02
N ASP A 13 28.57 24.87 17.73
CA ASP A 13 28.96 24.02 18.85
C ASP A 13 28.57 22.64 18.33
N ILE A 14 29.43 21.66 18.52
CA ILE A 14 29.22 20.29 17.99
C ILE A 14 27.90 19.50 18.34
N PRO A 15 27.33 19.63 19.58
CA PRO A 15 26.22 18.72 19.99
C PRO A 15 25.14 18.36 18.94
N MET A 29 12.58 8.54 13.13
CA MET A 29 13.40 7.40 12.73
C MET A 29 12.75 6.47 11.67
N PRO A 30 11.48 6.05 11.82
CA PRO A 30 10.56 6.36 12.94
C PRO A 30 10.60 5.31 14.07
N PRO A 31 10.29 5.66 15.34
CA PRO A 31 10.24 7.03 15.89
C PRO A 31 10.98 7.22 17.25
N ARG A 32 10.57 6.48 18.29
CA ARG A 32 11.11 6.67 19.67
C ARG A 32 10.88 5.44 20.61
N PRO A 33 11.45 5.45 21.86
CA PRO A 33 11.32 4.31 22.80
C PRO A 33 9.98 4.19 23.57
N SER A 34 9.38 3.00 23.55
CA SER A 34 8.00 2.70 24.02
C SER A 34 7.52 1.35 23.43
N SER A 35 6.23 1.25 23.02
CA SER A 35 5.62 0.07 22.32
C SER A 35 6.44 -1.24 22.25
N GLY A 36 6.83 -1.70 23.45
CA GLY A 36 7.60 -2.92 23.67
C GLY A 36 6.92 -3.80 24.70
N GLU A 37 7.68 -4.26 25.69
CA GLU A 37 7.17 -5.25 26.67
C GLU A 37 6.56 -4.66 27.95
N LEU A 38 6.97 -3.44 28.26
CA LEU A 38 6.41 -2.62 29.33
C LEU A 38 6.45 -1.15 28.85
N TRP A 39 5.80 -0.22 29.55
CA TRP A 39 5.72 1.16 29.03
C TRP A 39 7.09 1.80 29.04
N GLY A 40 7.48 2.38 27.90
CA GLY A 40 8.79 3.05 27.75
C GLY A 40 10.01 2.25 28.14
N ILE A 41 10.00 0.96 27.80
CA ILE A 41 10.95 -0.02 28.33
C ILE A 41 11.70 -0.88 27.32
N HIS A 42 11.04 -1.30 26.23
CA HIS A 42 11.60 -2.26 25.23
C HIS A 42 11.72 -3.69 25.75
N LEU A 43 12.70 -3.87 26.62
CA LEU A 43 13.05 -5.16 27.15
C LEU A 43 12.88 -5.11 28.63
N MET A 44 11.97 -5.92 29.18
CA MET A 44 11.79 -5.94 30.62
C MET A 44 12.83 -6.86 31.18
N PRO A 45 13.49 -6.46 32.28
CA PRO A 45 14.57 -7.24 32.88
C PRO A 45 14.10 -8.62 33.40
N PRO A 46 15.02 -9.60 33.41
CA PRO A 46 14.67 -11.03 33.45
C PRO A 46 13.85 -11.53 34.64
N ARG A 47 13.93 -10.84 35.77
CA ARG A 47 12.97 -10.98 36.88
C ARG A 47 12.43 -9.59 37.18
N ILE A 48 11.13 -9.51 37.44
CA ILE A 48 10.41 -8.24 37.49
C ILE A 48 9.47 -8.31 38.70
N LEU A 49 9.21 -7.16 39.34
CA LEU A 49 8.24 -7.09 40.44
C LEU A 49 6.85 -6.76 39.92
N VAL A 50 5.91 -7.69 40.09
CA VAL A 50 4.56 -7.49 39.61
C VAL A 50 3.58 -7.35 40.77
N GLU A 51 3.06 -6.13 40.97
CA GLU A 51 1.94 -5.91 41.90
C GLU A 51 0.72 -6.74 41.47
N CYS A 52 0.35 -7.72 42.31
CA CYS A 52 -0.91 -8.43 42.15
C CYS A 52 -1.98 -7.82 43.05
N LEU A 53 -3.20 -7.74 42.55
CA LEU A 53 -4.37 -7.26 43.31
C LEU A 53 -5.41 -8.39 43.32
N LEU A 54 -6.25 -8.44 44.36
CA LEU A 54 -7.26 -9.50 44.50
C LEU A 54 -8.67 -8.95 44.84
N PRO A 55 -9.68 -9.84 45.01
CA PRO A 55 -10.94 -9.36 45.62
C PRO A 55 -10.80 -8.87 47.08
N ASN A 56 -9.71 -9.28 47.75
CA ASN A 56 -9.45 -8.94 49.15
C ASN A 56 -9.25 -7.44 49.36
N GLY A 57 -8.54 -6.83 48.43
CA GLY A 57 -7.97 -5.50 48.63
C GLY A 57 -6.49 -5.61 48.97
N MET A 58 -5.94 -6.83 48.84
CA MET A 58 -4.65 -7.18 49.40
C MET A 58 -3.55 -7.38 48.36
N ILE A 59 -2.85 -6.30 48.00
CA ILE A 59 -1.77 -6.41 47.00
C ILE A 59 -0.51 -7.08 47.55
N VAL A 60 -0.33 -8.35 47.19
CA VAL A 60 0.94 -9.04 47.35
C VAL A 60 1.84 -8.43 46.27
N THR A 61 3.12 -8.76 46.23
CA THR A 61 3.98 -8.21 45.16
C THR A 61 4.97 -9.25 44.66
N LEU A 62 4.45 -10.31 44.03
CA LEU A 62 5.32 -11.31 43.39
C LEU A 62 6.40 -10.74 42.45
N GLU A 63 7.65 -11.05 42.79
CA GLU A 63 8.75 -11.03 41.84
C GLU A 63 8.60 -12.29 41.01
N CYS A 64 8.85 -12.18 39.71
CA CYS A 64 8.74 -13.33 38.82
C CYS A 64 9.50 -13.14 37.53
N LEU A 65 9.67 -14.26 36.82
CA LEU A 65 10.48 -14.27 35.64
C LEU A 65 9.74 -13.62 34.46
N ARG A 66 10.46 -12.79 33.68
CA ARG A 66 9.88 -12.05 32.57
C ARG A 66 9.22 -12.95 31.53
N GLU A 67 9.72 -14.18 31.41
CA GLU A 67 9.25 -15.11 30.38
C GLU A 67 8.33 -16.17 30.97
N ALA A 68 7.80 -15.91 32.17
CA ALA A 68 7.05 -16.90 32.91
C ALA A 68 5.58 -16.88 32.52
N THR A 69 4.96 -18.08 32.37
CA THR A 69 3.55 -18.19 31.96
C THR A 69 2.61 -17.61 33.01
N LEU A 70 1.37 -17.32 32.61
CA LEU A 70 0.32 -16.95 33.59
C LEU A 70 -0.29 -18.14 34.34
N ILE A 71 -0.13 -19.38 33.84
CA ILE A 71 -0.41 -20.59 34.66
C ILE A 71 0.40 -20.48 35.94
N THR A 72 1.70 -20.24 35.77
CA THR A 72 2.67 -20.20 36.88
C THR A 72 2.39 -19.12 37.89
N ILE A 73 2.31 -17.88 37.44
CA ILE A 73 2.14 -16.74 38.31
C ILE A 73 0.83 -16.86 39.08
N LYS A 74 -0.20 -17.43 38.47
CA LYS A 74 -1.42 -17.80 39.21
C LYS A 74 -1.10 -18.91 40.23
N HIS A 75 -0.63 -20.07 39.76
CA HIS A 75 -0.37 -21.22 40.66
C HIS A 75 0.66 -20.94 41.77
N GLU A 76 1.50 -19.92 41.57
CA GLU A 76 2.41 -19.41 42.60
C GLU A 76 2.02 -18.02 43.11
N LEU A 77 0.73 -17.72 43.03
CA LEU A 77 0.08 -16.68 43.83
C LEU A 77 -1.00 -17.34 44.71
N PHE A 78 -1.66 -18.37 44.18
CA PHE A 78 -2.48 -19.32 44.97
C PHE A 78 -1.65 -20.29 45.82
N LYS A 79 -0.33 -20.11 45.84
CA LYS A 79 0.56 -20.58 46.92
C LYS A 79 0.83 -19.39 47.88
N GLU A 80 1.37 -18.31 47.34
CA GLU A 80 1.80 -17.14 48.14
C GLU A 80 0.69 -16.33 48.82
N ALA A 81 -0.57 -16.66 48.56
CA ALA A 81 -1.69 -16.03 49.25
C ALA A 81 -1.86 -16.62 50.67
N ARG A 82 -1.80 -17.95 50.75
CA ARG A 82 -1.94 -18.72 52.00
C ARG A 82 -1.04 -18.27 53.18
N LYS A 83 -0.20 -17.25 52.95
CA LYS A 83 0.51 -16.52 54.00
C LYS A 83 -0.09 -15.14 54.28
N TYR A 84 -0.33 -14.35 53.24
CA TYR A 84 -0.86 -12.98 53.40
C TYR A 84 -2.25 -12.95 54.10
N PRO A 85 -2.68 -11.76 54.64
CA PRO A 85 -3.92 -11.73 55.44
C PRO A 85 -5.24 -11.89 54.66
N LEU A 86 -6.31 -12.18 55.40
CA LEU A 86 -7.70 -12.33 54.92
C LEU A 86 -7.90 -13.42 53.86
N HIS A 87 -7.02 -14.42 53.83
CA HIS A 87 -7.20 -15.64 53.03
C HIS A 87 -8.45 -16.41 53.55
N GLN A 88 -8.83 -17.50 52.87
CA GLN A 88 -9.93 -18.43 53.23
C GLN A 88 -11.13 -18.14 52.31
N LEU A 89 -11.06 -16.99 51.63
CA LEU A 89 -12.06 -16.57 50.66
C LEU A 89 -11.34 -16.30 49.33
N LEU A 90 -10.78 -17.36 48.77
CA LEU A 90 -10.28 -17.41 47.41
C LEU A 90 -10.60 -18.79 46.87
N GLN A 91 -11.58 -18.89 45.98
CA GLN A 91 -12.02 -20.20 45.43
C GLN A 91 -10.88 -21.07 44.88
N ASP A 92 -11.22 -22.30 44.46
CA ASP A 92 -10.31 -23.12 43.63
C ASP A 92 -9.83 -22.19 42.52
N GLU A 93 -8.51 -22.00 42.38
CA GLU A 93 -7.99 -21.11 41.32
C GLU A 93 -8.65 -21.43 39.97
N SER A 94 -8.96 -22.72 39.76
CA SER A 94 -9.85 -23.19 38.68
C SER A 94 -11.14 -22.38 38.39
N SER A 95 -11.42 -21.32 39.17
CA SER A 95 -12.46 -20.35 38.84
C SER A 95 -11.97 -18.92 39.13
N TYR A 96 -11.07 -18.45 38.26
CA TYR A 96 -10.32 -17.19 38.48
C TYR A 96 -9.43 -16.81 37.28
N ILE A 97 -9.36 -15.51 36.97
CA ILE A 97 -8.64 -15.01 35.78
C ILE A 97 -7.96 -13.67 36.09
N PHE A 98 -6.78 -13.43 35.50
CA PHE A 98 -6.04 -12.16 35.66
C PHE A 98 -6.59 -11.07 34.73
N VAL A 99 -6.20 -9.81 34.95
CA VAL A 99 -6.48 -8.71 33.99
C VAL A 99 -5.75 -7.41 34.34
N SER A 100 -5.24 -6.70 33.33
CA SER A 100 -4.49 -5.47 33.54
C SER A 100 -4.76 -4.49 32.40
N VAL A 101 -4.05 -3.38 32.40
CA VAL A 101 -4.12 -2.36 31.37
C VAL A 101 -2.91 -2.56 30.46
N THR A 102 -3.12 -2.43 29.13
CA THR A 102 -2.07 -2.56 28.09
C THR A 102 -1.61 -1.19 27.52
N GLN A 103 -0.53 -1.19 26.72
CA GLN A 103 0.00 0.07 26.15
C GLN A 103 -0.97 0.82 25.22
N GLU A 104 -1.81 0.08 24.49
CA GLU A 104 -3.01 0.65 23.88
C GLU A 104 -4.05 0.55 24.99
N ALA A 105 -4.16 1.62 25.78
CA ALA A 105 -4.84 1.61 27.09
C ALA A 105 -6.19 0.85 27.18
N GLU A 106 -6.15 -0.47 27.22
CA GLU A 106 -7.39 -1.22 27.41
C GLU A 106 -7.29 -2.24 28.52
N ARG A 107 -8.42 -2.44 29.18
CA ARG A 107 -8.52 -3.41 30.24
C ARG A 107 -8.69 -4.74 29.53
N GLU A 108 -7.68 -5.61 29.62
CA GLU A 108 -7.70 -6.86 28.87
C GLU A 108 -7.76 -8.14 29.71
N GLU A 109 -8.95 -8.71 29.87
CA GLU A 109 -9.07 -10.00 30.59
C GLU A 109 -8.13 -11.03 29.92
N PHE A 110 -7.30 -11.71 30.71
CA PHE A 110 -6.21 -12.56 30.17
C PHE A 110 -6.59 -14.05 30.09
N PHE A 111 -7.48 -14.36 29.15
CA PHE A 111 -8.11 -15.67 29.04
C PHE A 111 -7.10 -16.77 28.80
N ASP A 112 -6.32 -16.66 27.73
CA ASP A 112 -5.23 -17.61 27.52
C ASP A 112 -4.15 -17.30 28.57
N GLU A 113 -3.81 -18.33 29.34
CA GLU A 113 -2.85 -18.23 30.41
C GLU A 113 -1.60 -19.06 30.15
N THR A 114 -1.50 -19.63 28.96
CA THR A 114 -0.22 -20.16 28.47
C THR A 114 0.67 -19.03 27.92
N ARG A 115 0.11 -17.83 27.78
CA ARG A 115 0.88 -16.65 27.39
C ARG A 115 1.86 -16.21 28.48
N ARG A 116 3.03 -15.74 28.05
CA ARG A 116 4.09 -15.33 28.94
C ARG A 116 3.89 -13.90 29.34
N LEU A 117 4.35 -13.59 30.55
CA LEU A 117 4.32 -12.23 31.07
C LEU A 117 4.80 -11.17 30.03
N CYS A 118 5.92 -11.44 29.35
CA CYS A 118 6.51 -10.46 28.43
C CYS A 118 5.64 -10.13 27.21
N ASP A 119 4.85 -11.11 26.78
CA ASP A 119 4.01 -10.94 25.59
C ASP A 119 2.61 -10.41 25.90
N LEU A 120 2.39 -9.89 27.10
CA LEU A 120 1.10 -9.32 27.45
C LEU A 120 1.00 -7.88 26.99
N ARG A 121 2.17 -7.26 26.77
CA ARG A 121 2.26 -5.88 26.34
C ARG A 121 1.51 -4.97 27.33
N LEU A 122 1.86 -5.17 28.60
CA LEU A 122 1.33 -4.39 29.71
C LEU A 122 1.88 -2.97 29.68
N PHE A 123 1.28 -2.12 30.49
CA PHE A 123 1.68 -0.74 30.61
C PHE A 123 2.57 -0.54 31.86
N GLN A 124 1.99 -0.73 33.05
CA GLN A 124 2.74 -0.94 34.30
C GLN A 124 2.67 -2.45 34.59
N PRO A 125 3.66 -2.99 35.31
CA PRO A 125 3.66 -4.41 35.63
C PRO A 125 2.79 -4.70 36.83
N PHE A 126 1.50 -4.85 36.58
CA PHE A 126 0.57 -5.27 37.62
C PHE A 126 -0.49 -6.22 37.09
N LEU A 127 -1.14 -6.96 37.98
CA LEU A 127 -2.27 -7.75 37.55
C LEU A 127 -3.38 -7.79 38.58
N LYS A 128 -4.54 -7.20 38.27
CA LYS A 128 -5.79 -7.50 39.00
C LYS A 128 -6.21 -8.95 38.80
N VAL A 129 -6.87 -9.51 39.81
CA VAL A 129 -7.50 -10.83 39.73
C VAL A 129 -9.03 -10.66 39.81
N ILE A 130 -9.74 -11.53 39.11
CA ILE A 130 -11.20 -11.48 38.96
C ILE A 130 -11.72 -12.88 38.58
N GLU A 131 -13.04 -12.98 38.43
CA GLU A 131 -13.70 -14.16 37.86
C GLU A 131 -14.27 -13.89 36.45
N PRO A 132 -14.41 -14.97 35.64
CA PRO A 132 -14.85 -14.78 34.26
C PRO A 132 -16.29 -14.34 34.16
N VAL A 133 -16.51 -13.14 33.65
CA VAL A 133 -17.84 -12.61 33.39
C VAL A 133 -18.18 -12.84 31.91
N GLY A 134 -19.47 -13.04 31.65
CA GLY A 134 -19.97 -13.30 30.32
C GLY A 134 -19.52 -14.65 29.79
N ASN A 135 -19.67 -15.70 30.62
CA ASN A 135 -19.37 -17.14 30.33
C ASN A 135 -19.49 -17.49 28.84
N ARG A 136 -18.59 -16.89 28.08
CA ARG A 136 -18.50 -17.03 26.66
C ARG A 136 -17.08 -16.68 26.29
N GLU A 137 -16.13 -17.23 27.05
CA GLU A 137 -14.70 -17.07 26.78
C GLU A 137 -14.50 -17.36 25.28
N GLU A 138 -15.14 -18.43 24.83
CA GLU A 138 -15.26 -18.80 23.41
C GLU A 138 -15.51 -17.61 22.44
N LYS A 139 -16.44 -16.70 22.75
CA LYS A 139 -16.57 -15.41 21.99
C LYS A 139 -15.53 -14.41 22.39
N ILE A 140 -15.14 -14.36 23.66
CA ILE A 140 -14.18 -13.33 24.04
C ILE A 140 -12.75 -13.66 23.57
N LEU A 141 -12.57 -14.75 22.79
CA LEU A 141 -11.43 -14.88 21.84
C LEU A 141 -11.77 -14.27 20.44
N ASN A 142 -12.07 -12.99 20.50
CA ASN A 142 -11.76 -12.05 19.46
C ASN A 142 -10.76 -11.03 20.07
N ARG A 143 -10.03 -11.49 21.06
CA ARG A 143 -8.69 -10.99 21.34
C ARG A 143 -7.83 -11.20 20.11
N GLU A 144 -7.89 -12.44 19.63
CA GLU A 144 -7.15 -12.92 18.46
C GLU A 144 -7.36 -11.98 17.28
N ILE A 145 -8.61 -11.53 17.09
CA ILE A 145 -8.90 -10.54 16.07
C ILE A 145 -8.22 -9.21 16.33
N GLY A 146 -8.45 -8.64 17.49
CA GLY A 146 -7.71 -7.45 17.88
C GLY A 146 -6.19 -7.58 17.81
N PHE A 147 -5.64 -8.75 18.10
CA PHE A 147 -4.21 -8.96 17.91
C PHE A 147 -3.80 -8.83 16.45
N ALA A 148 -4.54 -9.49 15.58
CA ALA A 148 -4.21 -9.48 14.18
C ALA A 148 -4.24 -8.06 13.63
N ILE A 149 -5.36 -7.40 13.89
CA ILE A 149 -5.71 -6.10 13.35
C ILE A 149 -4.83 -5.02 13.92
N GLY A 150 -4.37 -5.25 15.14
CA GLY A 150 -3.52 -4.29 15.80
C GLY A 150 -4.31 -3.19 16.44
N MET A 151 -5.57 -3.47 16.77
CA MET A 151 -6.32 -2.62 17.67
C MET A 151 -7.45 -3.42 18.30
N PRO A 152 -7.91 -3.00 19.47
CA PRO A 152 -8.97 -3.76 20.12
C PRO A 152 -10.26 -3.70 19.33
N VAL A 153 -11.09 -4.73 19.45
CA VAL A 153 -12.35 -4.76 18.72
C VAL A 153 -13.35 -3.86 19.43
N CYS A 154 -13.34 -3.86 20.76
CA CYS A 154 -14.24 -3.01 21.55
C CYS A 154 -14.15 -1.55 21.14
N GLU A 155 -12.96 -1.13 20.70
CA GLU A 155 -12.77 0.20 20.15
C GLU A 155 -13.71 0.53 18.95
N PHE A 156 -14.21 -0.46 18.23
CA PHE A 156 -15.32 -0.25 17.26
C PHE A 156 -16.67 -0.14 17.94
N ASP A 157 -16.91 -1.02 18.91
CA ASP A 157 -18.23 -1.13 19.52
C ASP A 157 -18.73 0.22 20.01
N MET A 158 -17.85 0.99 20.64
CA MET A 158 -18.18 2.32 21.14
C MET A 158 -17.79 3.34 20.10
N VAL A 159 -18.47 3.29 18.95
CA VAL A 159 -18.35 4.30 17.89
C VAL A 159 -19.77 4.79 17.60
N LYS A 160 -19.92 6.10 17.43
CA LYS A 160 -21.25 6.70 17.27
C LYS A 160 -21.74 6.54 15.84
N ASP A 161 -20.95 7.05 14.89
CA ASP A 161 -21.26 7.05 13.45
C ASP A 161 -22.08 5.82 13.04
N PRO A 162 -23.33 6.02 12.55
CA PRO A 162 -24.13 4.84 12.18
C PRO A 162 -23.59 4.10 10.95
N GLU A 163 -23.09 4.86 9.96
CA GLU A 163 -22.29 4.27 8.86
C GLU A 163 -21.36 3.13 9.31
N VAL A 164 -20.68 3.32 10.42
CA VAL A 164 -19.78 2.29 10.92
C VAL A 164 -20.57 1.10 11.46
N GLN A 165 -21.39 1.34 12.47
CA GLN A 165 -22.15 0.24 13.06
C GLN A 165 -22.93 -0.54 12.01
N ASP A 166 -23.31 0.14 10.93
CA ASP A 166 -23.93 -0.50 9.77
C ASP A 166 -22.95 -1.34 8.98
N PHE A 167 -21.91 -0.71 8.44
CA PHE A 167 -20.89 -1.48 7.73
C PHE A 167 -20.64 -2.80 8.45
N ARG A 168 -20.35 -2.74 9.74
CA ARG A 168 -20.07 -3.96 10.50
C ARG A 168 -21.20 -5.00 10.38
N ARG A 169 -22.43 -4.56 10.62
CA ARG A 169 -23.60 -5.46 10.58
C ARG A 169 -23.90 -5.92 9.16
N ASN A 170 -23.79 -5.02 8.19
CA ASN A 170 -24.09 -5.35 6.78
C ASN A 170 -23.08 -6.20 6.05
N ILE A 171 -21.79 -5.97 6.27
CA ILE A 171 -20.73 -6.59 5.47
C ILE A 171 -20.62 -8.08 5.77
N LEU A 172 -21.31 -8.56 6.82
CA LEU A 172 -21.38 -10.01 7.10
C LEU A 172 -22.14 -10.80 6.00
N ASN A 173 -23.01 -10.15 5.23
CA ASN A 173 -23.59 -10.76 4.02
C ASN A 173 -22.49 -11.54 3.32
N VAL A 174 -21.46 -10.79 2.92
CA VAL A 174 -20.37 -11.32 2.11
C VAL A 174 -19.62 -12.46 2.83
N CYS A 175 -19.29 -12.25 4.10
CA CYS A 175 -18.65 -13.29 4.89
C CYS A 175 -19.44 -14.57 4.84
N LYS A 176 -20.73 -14.48 5.14
CA LYS A 176 -21.57 -15.68 5.22
C LYS A 176 -21.62 -16.37 3.86
N GLU A 177 -21.85 -15.59 2.82
CA GLU A 177 -21.96 -16.09 1.45
C GLU A 177 -20.66 -16.75 0.96
N ALA A 178 -19.53 -16.16 1.33
CA ALA A 178 -18.23 -16.74 1.04
C ALA A 178 -17.99 -18.08 1.77
N VAL A 179 -18.27 -18.10 3.06
CA VAL A 179 -18.08 -19.29 3.88
C VAL A 179 -18.91 -20.51 3.37
N ASP A 180 -20.11 -20.24 2.83
CA ASP A 180 -20.96 -21.29 2.24
C ASP A 180 -20.38 -21.80 0.92
N LEU A 181 -19.83 -20.87 0.12
CA LEU A 181 -19.03 -21.25 -1.07
C LEU A 181 -17.84 -22.21 -0.80
N ARG A 182 -17.27 -22.14 0.40
CA ARG A 182 -16.17 -23.03 0.82
C ARG A 182 -16.63 -24.44 1.17
N ASP A 183 -17.82 -24.59 1.77
CA ASP A 183 -18.34 -25.94 2.13
C ASP A 183 -19.30 -26.52 1.07
N LEU A 184 -19.21 -26.00 -0.16
CA LEU A 184 -20.10 -26.38 -1.26
C LEU A 184 -19.87 -27.82 -1.71
N ASN A 185 -18.61 -28.18 -1.94
CA ASN A 185 -18.19 -29.57 -2.16
C ASN A 185 -17.04 -29.90 -1.20
N SER A 186 -17.34 -29.86 0.09
CA SER A 186 -16.38 -30.22 1.14
C SER A 186 -15.87 -31.65 0.86
N PRO A 187 -14.60 -31.98 1.07
CA PRO A 187 -13.54 -31.07 1.48
C PRO A 187 -12.70 -30.48 0.31
N HIS A 188 -12.94 -30.93 -0.93
CA HIS A 188 -12.22 -30.41 -2.11
C HIS A 188 -12.28 -28.89 -2.12
N SER A 189 -13.49 -28.36 -2.04
CA SER A 189 -13.71 -26.91 -1.95
C SER A 189 -12.88 -26.25 -0.86
N ARG A 190 -12.82 -26.86 0.31
CA ARG A 190 -12.01 -26.29 1.37
C ARG A 190 -10.53 -26.25 1.01
N ALA A 191 -10.01 -27.28 0.36
CA ALA A 191 -8.59 -27.27 -0.07
C ALA A 191 -8.36 -26.32 -1.25
N MET A 192 -9.36 -26.11 -2.10
CA MET A 192 -9.24 -25.05 -3.11
C MET A 192 -9.07 -23.65 -2.44
N TYR A 193 -9.85 -23.42 -1.38
CA TYR A 193 -9.71 -22.22 -0.54
C TYR A 193 -8.30 -22.19 0.05
N VAL A 194 -7.97 -23.21 0.83
CA VAL A 194 -6.71 -23.22 1.58
C VAL A 194 -5.43 -23.42 0.71
N TYR A 195 -5.54 -23.92 -0.53
CA TYR A 195 -4.32 -24.23 -1.32
C TYR A 195 -4.54 -23.98 -2.78
N PRO A 196 -5.21 -22.89 -3.11
CA PRO A 196 -5.63 -22.65 -4.49
C PRO A 196 -4.50 -22.79 -5.53
N PRO A 197 -4.82 -23.33 -6.72
CA PRO A 197 -3.81 -23.54 -7.75
C PRO A 197 -3.04 -22.26 -8.12
N ASN A 198 -1.71 -22.36 -8.20
CA ASN A 198 -0.83 -21.24 -8.58
C ASN A 198 -0.45 -21.29 -10.07
N VAL A 199 -1.13 -20.49 -10.87
CA VAL A 199 -1.34 -20.76 -12.27
C VAL A 199 -1.27 -19.49 -13.16
N GLU A 200 -0.44 -19.48 -14.20
CA GLU A 200 -0.37 -18.35 -15.17
C GLU A 200 -1.70 -18.30 -15.91
N SER A 201 -2.17 -17.12 -16.33
CA SER A 201 -3.61 -16.96 -16.65
C SER A 201 -4.03 -17.52 -18.02
N SER A 202 -3.09 -17.69 -18.96
CA SER A 202 -3.37 -18.38 -20.23
C SER A 202 -2.72 -19.77 -20.26
N PRO A 203 -3.45 -20.79 -20.78
CA PRO A 203 -2.93 -22.17 -20.91
C PRO A 203 -1.88 -22.34 -21.99
N GLU A 204 -1.92 -21.47 -23.01
CA GLU A 204 -0.99 -21.55 -24.14
C GLU A 204 0.39 -21.13 -23.68
N LEU A 205 1.39 -21.83 -24.20
CA LEU A 205 2.77 -21.77 -23.73
C LEU A 205 3.61 -20.97 -24.76
N PRO A 206 4.31 -19.91 -24.33
CA PRO A 206 5.17 -19.19 -25.28
C PRO A 206 6.25 -20.06 -25.88
N LYS A 207 6.78 -19.61 -27.01
CA LYS A 207 7.56 -20.47 -27.90
C LYS A 207 9.00 -20.68 -27.46
N HIS A 208 9.63 -19.69 -26.84
CA HIS A 208 10.98 -19.88 -26.27
C HIS A 208 10.99 -20.84 -25.06
N ILE A 209 9.85 -21.00 -24.39
CA ILE A 209 9.67 -22.04 -23.37
C ILE A 209 9.48 -23.39 -24.06
N TYR A 210 8.58 -23.41 -25.07
CA TYR A 210 8.29 -24.63 -25.86
C TYR A 210 9.59 -25.32 -26.32
N ASN A 211 10.48 -24.53 -26.92
CA ASN A 211 11.73 -25.03 -27.49
C ASN A 211 12.76 -25.63 -26.51
N LYS A 212 12.31 -26.05 -25.33
CA LYS A 212 13.11 -26.92 -24.47
C LYS A 212 12.48 -28.32 -24.26
N LEU A 213 11.56 -28.74 -25.14
CA LEU A 213 10.64 -29.84 -24.80
C LEU A 213 10.40 -31.04 -25.78
N ASP A 214 11.26 -31.32 -26.76
CA ASP A 214 11.00 -32.43 -27.74
C ASP A 214 9.63 -32.31 -28.37
N LYS A 215 9.34 -31.13 -28.91
CA LYS A 215 8.03 -30.84 -29.45
C LYS A 215 6.96 -31.37 -28.50
N GLY A 216 6.96 -30.78 -27.30
CA GLY A 216 5.89 -30.95 -26.33
C GLY A 216 5.98 -32.09 -25.33
N GLN A 217 7.12 -32.22 -24.66
CA GLN A 217 7.29 -33.16 -23.56
C GLN A 217 8.27 -32.67 -22.47
N ILE A 218 7.98 -32.98 -21.21
CA ILE A 218 8.82 -32.63 -20.05
C ILE A 218 9.20 -33.92 -19.33
N ILE A 219 10.44 -34.05 -18.94
CA ILE A 219 10.80 -35.05 -17.94
C ILE A 219 10.34 -34.50 -16.60
N VAL A 220 9.54 -35.28 -15.89
CA VAL A 220 9.07 -35.01 -14.51
C VAL A 220 9.92 -35.82 -13.52
N VAL A 221 9.56 -35.85 -12.24
CA VAL A 221 9.92 -36.90 -11.30
C VAL A 221 8.79 -36.98 -10.26
N ILE A 222 7.92 -37.98 -10.30
CA ILE A 222 6.97 -38.15 -9.18
C ILE A 222 7.66 -38.95 -8.07
N TRP A 223 7.33 -38.64 -6.82
CA TRP A 223 7.94 -39.30 -5.66
C TRP A 223 6.82 -39.94 -4.90
N VAL A 224 7.18 -40.81 -3.97
CA VAL A 224 6.20 -41.41 -3.09
C VAL A 224 6.91 -41.96 -1.85
N ILE A 225 6.19 -41.93 -0.73
CA ILE A 225 6.63 -42.49 0.52
C ILE A 225 5.66 -43.63 0.88
N VAL A 226 6.16 -44.88 0.96
CA VAL A 226 5.39 -46.03 1.46
C VAL A 226 6.10 -46.54 2.73
N SER A 227 5.34 -47.15 3.64
CA SER A 227 5.88 -47.72 4.90
C SER A 227 7.05 -48.67 4.58
N PRO A 228 8.22 -48.57 5.26
CA PRO A 228 8.45 -47.87 6.54
C PRO A 228 8.55 -46.33 6.55
N ASN A 229 8.38 -45.69 5.39
CA ASN A 229 8.34 -44.22 5.22
C ASN A 229 9.74 -43.61 5.18
N ASN A 230 10.63 -44.07 6.07
CA ASN A 230 12.08 -43.96 5.88
C ASN A 230 12.45 -43.73 4.41
N ASP A 231 12.00 -44.66 3.56
CA ASP A 231 12.35 -44.68 2.13
C ASP A 231 11.41 -43.81 1.26
N LYS A 232 11.99 -43.21 0.22
CA LYS A 232 11.27 -42.45 -0.80
C LYS A 232 11.71 -42.92 -2.18
N GLN A 233 10.82 -42.87 -3.16
CA GLN A 233 11.09 -43.50 -4.45
C GLN A 233 10.81 -42.62 -5.64
N LYS A 234 11.83 -42.39 -6.46
CA LYS A 234 11.62 -41.72 -7.74
C LYS A 234 10.69 -42.59 -8.58
N TYR A 235 9.96 -41.94 -9.48
CA TYR A 235 9.31 -42.60 -10.60
C TYR A 235 9.29 -41.56 -11.71
N THR A 236 10.43 -41.42 -12.40
CA THR A 236 10.59 -40.28 -13.34
C THR A 236 9.82 -40.58 -14.63
N LEU A 237 9.07 -39.61 -15.14
CA LEU A 237 8.25 -39.81 -16.34
C LEU A 237 8.75 -38.94 -17.48
N LYS A 238 8.10 -39.03 -18.64
CA LYS A 238 8.27 -38.05 -19.72
C LYS A 238 6.94 -37.95 -20.42
N ILE A 239 6.25 -36.84 -20.23
CA ILE A 239 4.85 -36.70 -20.65
C ILE A 239 4.63 -35.35 -21.25
N ASN A 240 3.46 -35.18 -21.85
CA ASN A 240 3.20 -33.95 -22.58
C ASN A 240 3.13 -32.76 -21.64
N HIS A 241 3.55 -31.61 -22.14
CA HIS A 241 3.44 -30.37 -21.39
C HIS A 241 1.94 -30.05 -21.13
N ASP A 242 1.08 -30.25 -22.12
CA ASP A 242 -0.34 -29.91 -21.95
C ASP A 242 -1.15 -30.90 -21.06
N CYS A 243 -0.46 -31.90 -20.52
CA CYS A 243 -1.05 -32.97 -19.69
C CYS A 243 -1.62 -32.45 -18.35
N VAL A 244 -2.78 -32.97 -17.92
CA VAL A 244 -3.32 -32.58 -16.60
C VAL A 244 -2.77 -33.43 -15.44
N PRO A 245 -2.95 -32.97 -14.19
CA PRO A 245 -2.33 -33.69 -13.07
C PRO A 245 -2.92 -35.07 -12.86
N GLU A 246 -4.23 -35.17 -13.04
CA GLU A 246 -4.94 -36.45 -12.95
C GLU A 246 -4.31 -37.53 -13.85
N GLN A 247 -3.90 -37.16 -15.08
CA GLN A 247 -3.20 -38.08 -15.99
C GLN A 247 -1.79 -38.35 -15.52
N VAL A 248 -1.13 -37.34 -14.97
CA VAL A 248 0.23 -37.52 -14.45
C VAL A 248 0.17 -38.36 -13.19
N ILE A 249 -0.95 -38.35 -12.47
CA ILE A 249 -1.11 -39.34 -11.40
C ILE A 249 -1.09 -40.79 -11.94
N ALA A 250 -1.83 -41.03 -13.03
CA ALA A 250 -1.91 -42.35 -13.68
C ALA A 250 -0.52 -42.83 -14.05
N GLU A 251 0.13 -42.17 -15.01
CA GLU A 251 1.47 -42.61 -15.48
C GLU A 251 2.49 -42.82 -14.36
N ALA A 252 2.26 -42.19 -13.21
CA ALA A 252 3.05 -42.47 -12.03
C ALA A 252 2.71 -43.85 -11.45
N ILE A 253 1.41 -44.15 -11.37
CA ILE A 253 0.93 -45.42 -10.81
C ILE A 253 1.19 -46.59 -11.75
N ARG A 254 0.82 -46.40 -13.03
CA ARG A 254 1.27 -47.24 -14.16
C ARG A 254 2.66 -47.84 -13.84
N LYS A 255 3.73 -47.03 -13.79
CA LYS A 255 5.08 -47.54 -13.45
C LYS A 255 5.18 -48.30 -12.13
N LYS A 256 4.87 -47.64 -11.03
CA LYS A 256 5.00 -48.27 -9.70
C LYS A 256 4.36 -49.66 -9.66
N THR A 257 3.25 -49.83 -10.38
CA THR A 257 2.43 -51.05 -10.36
C THR A 257 2.94 -52.20 -11.25
N ARG A 258 3.30 -51.87 -12.51
CA ARG A 258 3.77 -52.83 -13.53
C ARG A 258 4.65 -53.99 -13.04
N SER A 259 4.29 -55.19 -13.49
CA SER A 259 4.97 -56.42 -13.12
C SER A 259 4.83 -57.45 -14.23
N MET A 260 5.56 -58.54 -14.07
CA MET A 260 5.45 -59.70 -14.95
C MET A 260 4.28 -60.59 -14.57
N LEU A 261 3.48 -60.16 -13.58
CA LEU A 261 2.31 -60.89 -13.14
C LEU A 261 1.04 -60.11 -13.35
N LEU A 262 1.14 -58.94 -13.98
CA LEU A 262 -0.04 -58.17 -14.32
C LEU A 262 -0.13 -58.10 -15.82
N SER A 263 -1.19 -58.65 -16.39
CA SER A 263 -1.53 -58.36 -17.78
C SER A 263 -1.83 -56.89 -17.89
N SER A 264 -1.91 -56.37 -19.10
CA SER A 264 -2.30 -54.98 -19.27
C SER A 264 -3.78 -54.78 -18.97
N GLU A 265 -4.58 -55.85 -19.04
CA GLU A 265 -5.97 -55.79 -18.57
C GLU A 265 -5.99 -55.59 -17.06
N GLN A 266 -5.26 -56.43 -16.34
CA GLN A 266 -5.22 -56.38 -14.87
C GLN A 266 -4.53 -55.13 -14.34
N LEU A 267 -3.65 -54.52 -15.13
CA LEU A 267 -2.94 -53.30 -14.72
C LEU A 267 -3.83 -52.08 -14.92
N LYS A 268 -4.66 -52.06 -15.97
CA LYS A 268 -5.64 -50.99 -16.14
C LYS A 268 -6.63 -50.92 -14.97
N LEU A 269 -7.11 -52.07 -14.49
CA LEU A 269 -8.07 -52.09 -13.37
C LEU A 269 -7.37 -51.60 -12.10
N CYS A 270 -6.19 -52.13 -11.80
CA CYS A 270 -5.37 -51.69 -10.67
C CYS A 270 -5.05 -50.18 -10.62
N VAL A 271 -4.97 -49.54 -11.78
CA VAL A 271 -4.66 -48.10 -11.83
C VAL A 271 -5.89 -47.31 -11.43
N LEU A 272 -6.96 -47.40 -12.22
CA LEU A 272 -8.17 -46.59 -12.05
C LEU A 272 -8.63 -46.48 -10.57
N GLU A 273 -8.57 -47.61 -9.85
CA GLU A 273 -8.85 -47.69 -8.41
C GLU A 273 -7.87 -46.93 -7.48
N TYR A 274 -6.56 -47.14 -7.66
CA TYR A 274 -5.51 -46.33 -6.99
C TYR A 274 -5.43 -44.87 -7.48
N GLN A 275 -5.98 -44.57 -8.66
CA GLN A 275 -5.80 -43.26 -9.30
C GLN A 275 -6.44 -42.13 -8.53
N GLY A 276 -7.73 -42.28 -8.21
CA GLY A 276 -8.51 -41.23 -7.50
C GLY A 276 -7.99 -40.84 -6.13
N LYS A 277 -7.29 -41.76 -5.47
CA LYS A 277 -6.88 -41.63 -4.07
C LYS A 277 -5.76 -40.63 -3.80
N TYR A 278 -5.17 -40.05 -4.84
CA TYR A 278 -3.96 -39.23 -4.67
C TYR A 278 -4.13 -37.86 -5.33
N ILE A 279 -3.28 -36.90 -4.91
CA ILE A 279 -3.08 -35.61 -5.63
C ILE A 279 -1.62 -35.18 -5.57
N LEU A 280 -1.26 -34.24 -6.45
CA LEU A 280 0.13 -33.83 -6.58
C LEU A 280 0.51 -32.60 -5.74
N LYS A 281 1.49 -32.77 -4.87
CA LYS A 281 2.13 -31.69 -4.13
C LYS A 281 3.44 -31.32 -4.85
N VAL A 282 4.01 -30.16 -4.55
CA VAL A 282 5.36 -29.82 -4.99
C VAL A 282 6.26 -30.14 -3.83
N CYS A 283 7.48 -30.62 -4.06
CA CYS A 283 8.31 -31.08 -2.93
C CYS A 283 8.88 -29.87 -2.22
N GLY A 284 9.01 -29.94 -0.90
CA GLY A 284 9.71 -28.89 -0.15
C GLY A 284 9.01 -27.55 0.10
N CYS A 285 7.78 -27.41 -0.41
CA CYS A 285 6.94 -26.27 -0.10
C CYS A 285 5.47 -26.65 -0.35
N ASP A 286 4.52 -25.87 0.15
CA ASP A 286 3.10 -26.26 0.11
C ASP A 286 2.32 -25.62 -1.03
N GLU A 287 2.60 -26.05 -2.25
CA GLU A 287 1.66 -25.82 -3.35
C GLU A 287 0.98 -27.16 -3.60
N TYR A 288 -0.19 -27.12 -4.21
CA TYR A 288 -0.85 -28.34 -4.66
C TYR A 288 -1.52 -28.08 -6.00
N PHE A 289 -1.30 -29.01 -6.95
CA PHE A 289 -1.96 -29.00 -8.25
C PHE A 289 -3.26 -29.71 -7.94
N LEU A 290 -4.32 -28.95 -7.77
CA LEU A 290 -5.58 -29.52 -7.39
C LEU A 290 -6.64 -29.44 -8.49
N GLU A 291 -6.31 -28.97 -9.69
CA GLU A 291 -7.34 -28.93 -10.73
C GLU A 291 -6.88 -28.99 -12.18
N LYS A 292 -7.87 -29.30 -13.04
CA LYS A 292 -7.73 -29.41 -14.50
C LYS A 292 -7.02 -28.21 -15.08
N TYR A 293 -5.75 -28.39 -15.37
CA TYR A 293 -4.92 -27.37 -15.97
C TYR A 293 -3.74 -28.15 -16.51
N PRO A 294 -3.19 -27.71 -17.64
CA PRO A 294 -1.90 -28.23 -18.10
C PRO A 294 -0.81 -28.08 -17.06
N LEU A 295 -0.07 -29.14 -16.71
CA LEU A 295 1.16 -28.95 -15.91
C LEU A 295 2.00 -27.68 -16.29
N SER A 296 1.99 -27.27 -17.56
CA SER A 296 2.59 -26.00 -18.00
C SER A 296 1.97 -24.72 -17.43
N GLN A 297 0.66 -24.73 -17.20
CA GLN A 297 -0.08 -23.55 -16.71
C GLN A 297 0.17 -23.31 -15.23
N TYR A 298 0.61 -24.34 -14.50
CA TYR A 298 1.14 -24.13 -13.15
C TYR A 298 2.53 -23.47 -13.20
N LYS A 299 2.80 -22.52 -12.32
CA LYS A 299 4.04 -21.72 -12.38
C LYS A 299 5.31 -22.50 -11.99
N TYR A 300 5.19 -23.40 -11.02
CA TYR A 300 6.33 -24.24 -10.62
C TYR A 300 6.93 -25.02 -11.80
N ILE A 301 6.08 -25.47 -12.74
CA ILE A 301 6.58 -26.23 -13.88
C ILE A 301 7.24 -25.23 -14.80
N ARG A 302 6.46 -24.32 -15.35
CA ARG A 302 7.00 -23.35 -16.31
C ARG A 302 8.27 -22.64 -15.77
N SER A 303 8.39 -22.54 -14.45
CA SER A 303 9.62 -22.08 -13.78
C SER A 303 10.72 -23.13 -13.82
N CYS A 304 10.36 -24.40 -13.64
CA CYS A 304 11.31 -25.52 -13.75
C CYS A 304 11.84 -25.63 -15.18
N ILE A 305 10.92 -25.53 -16.16
CA ILE A 305 11.29 -25.60 -17.59
C ILE A 305 12.43 -24.64 -17.85
N MET A 306 12.16 -23.37 -17.54
CA MET A 306 13.05 -22.26 -17.84
C MET A 306 14.35 -22.33 -17.08
N LEU A 307 14.29 -22.67 -15.79
CA LEU A 307 15.50 -22.69 -14.95
C LEU A 307 16.46 -23.82 -15.30
N GLY A 308 15.93 -24.88 -15.94
CA GLY A 308 16.68 -26.07 -16.37
C GLY A 308 16.57 -27.14 -15.32
N ARG A 309 15.33 -27.51 -15.02
CA ARG A 309 15.04 -28.32 -13.83
C ARG A 309 13.96 -29.36 -14.04
N MET A 310 14.08 -30.44 -13.28
CA MET A 310 13.21 -31.57 -13.41
C MET A 310 12.25 -31.45 -12.24
N PRO A 311 10.94 -31.27 -12.53
CA PRO A 311 9.93 -31.15 -11.49
C PRO A 311 10.06 -32.20 -10.45
N ASN A 312 9.91 -31.87 -9.19
CA ASN A 312 9.83 -32.89 -8.14
C ASN A 312 8.50 -32.73 -7.45
N LEU A 313 7.53 -33.45 -7.99
CA LEU A 313 6.22 -33.53 -7.43
C LEU A 313 6.23 -34.64 -6.38
N MET A 314 5.08 -34.94 -5.81
CA MET A 314 4.95 -35.96 -4.73
C MET A 314 3.50 -36.44 -4.69
N LEU A 315 3.32 -37.76 -4.68
CA LEU A 315 1.98 -38.34 -4.62
C LEU A 315 1.61 -38.32 -3.18
N MET A 316 0.57 -37.56 -2.89
CA MET A 316 0.08 -37.41 -1.54
C MET A 316 -1.29 -38.05 -1.60
N ALA A 317 -1.56 -38.88 -0.59
CA ALA A 317 -2.90 -39.41 -0.40
C ALA A 317 -3.85 -38.27 -0.06
N LYS A 318 -5.01 -38.26 -0.70
CA LYS A 318 -6.07 -37.28 -0.39
C LYS A 318 -6.48 -37.30 1.07
N GLU A 319 -6.59 -38.48 1.67
CA GLU A 319 -6.87 -38.58 3.10
C GLU A 319 -5.90 -37.69 3.88
N SER A 320 -4.60 -37.87 3.68
CA SER A 320 -3.57 -37.18 4.46
C SER A 320 -3.43 -35.66 4.20
N LEU A 321 -4.04 -35.15 3.13
CA LEU A 321 -4.21 -33.71 2.93
C LEU A 321 -5.47 -33.23 3.61
N TYR A 322 -6.59 -33.91 3.35
CA TYR A 322 -7.88 -33.57 3.96
C TYR A 322 -7.87 -33.62 5.53
N SER A 323 -6.94 -34.36 6.13
CA SER A 323 -6.77 -34.37 7.59
C SER A 323 -5.82 -33.26 8.09
N GLN A 324 -5.51 -32.29 7.24
CA GLN A 324 -4.90 -31.03 7.65
C GLN A 324 -5.96 -29.95 7.85
N LEU A 325 -6.94 -29.91 6.95
CA LEU A 325 -7.89 -28.81 6.86
C LEU A 325 -8.95 -28.96 7.94
N PRO A 326 -9.06 -27.99 8.89
CA PRO A 326 -10.21 -28.03 9.80
C PRO A 326 -11.34 -27.20 9.22
N MET A 327 -12.56 -27.42 9.69
CA MET A 327 -13.75 -26.67 9.21
C MET A 327 -13.74 -25.22 9.73
N ASP A 328 -14.48 -24.36 9.03
CA ASP A 328 -14.56 -22.92 9.33
C ASP A 328 -15.06 -22.59 10.74
N CYS A 329 -16.12 -23.29 11.17
CA CYS A 329 -16.87 -22.97 12.39
C CYS A 329 -17.25 -21.48 12.51
N PHE A 330 -17.61 -20.88 11.38
CA PHE A 330 -17.95 -19.47 11.32
C PHE A 330 -19.34 -19.21 11.89
N THR A 331 -19.44 -18.15 12.71
CA THR A 331 -20.66 -17.74 13.41
C THR A 331 -20.75 -16.20 13.44
N MET A 332 -21.95 -15.64 13.29
CA MET A 332 -22.15 -14.18 13.42
C MET A 332 -21.69 -13.68 14.77
N PRO A 333 -21.27 -12.40 14.82
CA PRO A 333 -20.99 -11.78 16.13
C PRO A 333 -22.25 -11.29 16.83
N SER A 334 -22.07 -10.74 18.04
CA SER A 334 -23.17 -10.16 18.83
C SER A 334 -23.92 -9.09 18.05
N TYR A 335 -23.18 -8.21 17.37
CA TYR A 335 -23.81 -7.23 16.47
C TYR A 335 -24.61 -7.98 15.38
N SER A 336 -25.88 -8.22 15.74
CA SER A 336 -26.89 -8.89 14.92
C SER A 336 -28.23 -8.48 15.54
N ARG A 337 -28.78 -7.35 15.07
CA ARG A 337 -29.87 -6.60 15.74
C ARG A 337 -29.38 -6.03 17.09
N GLU A 349 -40.24 8.32 9.06
CA GLU A 349 -40.00 8.07 7.66
C GLU A 349 -39.70 9.36 6.93
N THR A 350 -40.50 10.40 7.20
CA THR A 350 -40.44 11.73 6.53
C THR A 350 -40.99 11.72 5.09
N SER A 351 -41.35 10.55 4.58
CA SER A 351 -41.27 10.29 3.15
C SER A 351 -39.89 10.86 2.74
N THR A 352 -39.82 11.73 1.74
CA THR A 352 -38.56 12.35 1.33
C THR A 352 -38.88 13.47 0.34
N LYS A 353 -37.94 14.40 0.18
CA LYS A 353 -37.93 15.32 -0.96
C LYS A 353 -36.85 14.86 -1.95
N SER A 354 -37.23 14.52 -3.20
CA SER A 354 -36.21 14.29 -4.27
C SER A 354 -35.31 15.52 -4.51
N LEU A 355 -34.05 15.26 -4.80
CA LEU A 355 -33.05 16.32 -4.89
C LEU A 355 -33.50 17.39 -5.90
N TRP A 356 -34.22 16.92 -6.92
CA TRP A 356 -34.54 17.73 -8.12
C TRP A 356 -35.71 18.73 -7.95
N VAL A 357 -36.50 18.57 -6.88
CA VAL A 357 -37.64 19.45 -6.63
C VAL A 357 -37.23 20.77 -5.92
N ILE A 358 -36.17 20.72 -5.12
CA ILE A 358 -35.68 21.89 -4.39
C ILE A 358 -35.33 22.94 -5.42
N ASN A 359 -36.18 23.97 -5.53
CA ASN A 359 -35.77 25.18 -6.24
C ASN A 359 -34.83 25.91 -5.30
N SER A 360 -33.53 25.90 -5.62
CA SER A 360 -32.51 26.71 -4.93
C SER A 360 -31.15 26.73 -5.64
N ALA A 361 -30.26 27.59 -5.15
CA ALA A 361 -28.82 27.52 -5.43
C ALA A 361 -28.11 26.97 -4.19
N LEU A 362 -26.81 26.76 -4.27
CA LEU A 362 -26.09 26.19 -3.15
C LEU A 362 -25.59 27.28 -2.23
N ARG A 363 -25.93 27.18 -0.95
CA ARG A 363 -25.41 28.07 0.07
C ARG A 363 -24.95 27.27 1.28
N ILE A 364 -23.67 27.41 1.65
CA ILE A 364 -23.11 26.72 2.82
C ILE A 364 -22.44 27.74 3.74
N LYS A 365 -22.86 27.71 5.01
CA LYS A 365 -22.46 28.71 6.00
C LYS A 365 -21.12 28.38 6.59
N ILE A 366 -20.18 29.33 6.55
CA ILE A 366 -18.88 29.18 7.20
C ILE A 366 -18.83 30.05 8.46
N LEU A 367 -18.77 29.43 9.64
CA LEU A 367 -18.74 30.14 10.94
C LEU A 367 -17.28 30.32 11.42
N CYS A 368 -16.90 29.56 12.44
CA CYS A 368 -15.75 29.86 13.28
C CYS A 368 -14.78 28.70 13.23
N ALA A 369 -13.50 29.02 13.05
CA ALA A 369 -12.43 28.10 13.37
C ALA A 369 -11.80 28.50 14.70
N THR A 370 -10.85 27.68 15.16
CA THR A 370 -10.12 27.89 16.40
C THR A 370 -8.66 27.52 16.10
N TYR A 371 -7.81 27.49 17.11
CA TYR A 371 -6.56 26.71 17.04
C TYR A 371 -5.50 27.07 15.93
N VAL A 372 -5.74 28.06 15.06
CA VAL A 372 -4.89 28.26 13.86
C VAL A 372 -3.56 28.95 14.18
N ASN A 373 -2.48 28.40 13.64
CA ASN A 373 -1.10 28.75 14.04
C ASN A 373 -0.41 29.72 13.07
N VAL A 374 -0.08 30.92 13.56
CA VAL A 374 0.50 32.01 12.75
C VAL A 374 1.33 32.96 13.61
N ILE A 376 0.80 36.73 13.50
CA ILE A 376 0.49 38.14 13.72
C ILE A 376 1.46 39.06 12.98
N ARG A 377 2.75 38.94 13.28
CA ARG A 377 3.80 39.75 12.65
C ARG A 377 3.91 39.54 11.14
N ASP A 378 4.27 38.31 10.75
CA ASP A 378 4.75 38.02 9.38
C ASP A 378 3.64 37.69 8.37
N ILE A 379 2.54 37.09 8.83
CA ILE A 379 1.36 36.86 7.99
C ILE A 379 0.51 38.15 7.98
N ASP A 380 0.04 38.57 6.80
CA ASP A 380 -0.93 39.68 6.72
C ASP A 380 -2.32 39.19 7.13
N LYS A 381 -2.99 38.41 6.26
CA LYS A 381 -4.40 37.98 6.51
C LYS A 381 -4.74 36.53 6.12
N ILE A 382 -5.86 36.03 6.66
CA ILE A 382 -6.33 34.64 6.41
C ILE A 382 -7.85 34.44 6.25
N TYR A 383 -8.20 33.44 5.43
CA TYR A 383 -9.56 33.25 4.95
C TYR A 383 -9.86 31.79 4.58
N VAL A 384 -11.12 31.39 4.69
CA VAL A 384 -11.58 30.01 4.40
C VAL A 384 -11.98 29.79 2.92
N ARG A 385 -11.05 29.33 2.07
CA ARG A 385 -11.36 29.06 0.64
C ARG A 385 -12.19 27.79 0.53
N THR A 386 -13.21 27.80 -0.33
CA THR A 386 -14.07 26.61 -0.55
C THR A 386 -14.43 26.45 -2.00
N GLY A 387 -14.52 25.19 -2.44
CA GLY A 387 -15.04 24.82 -3.76
C GLY A 387 -15.82 23.51 -3.72
N ILE A 388 -16.80 23.40 -4.63
CA ILE A 388 -17.56 22.14 -4.84
C ILE A 388 -16.80 21.31 -5.88
N TYR A 389 -16.89 19.99 -5.80
CA TYR A 389 -16.00 19.13 -6.59
C TYR A 389 -16.56 17.74 -7.05
N HIS A 390 -15.88 17.20 -8.06
CA HIS A 390 -15.98 15.81 -8.52
C HIS A 390 -14.53 15.05 -8.62
N GLY A 391 -13.44 15.69 -8.16
CA GLY A 391 -12.08 15.48 -8.66
C GLY A 391 -11.66 16.73 -9.44
N GLY A 392 -12.44 17.10 -10.48
CA GLY A 392 -12.42 18.45 -11.13
C GLY A 392 -13.62 19.30 -10.67
N GLU A 393 -13.63 20.60 -10.96
CA GLU A 393 -14.52 21.61 -10.31
C GLU A 393 -15.87 21.76 -11.03
N PRO A 394 -17.05 21.67 -10.33
CA PRO A 394 -18.32 21.97 -11.04
C PRO A 394 -18.84 23.41 -10.88
N LEU A 395 -18.01 24.35 -10.40
CA LEU A 395 -18.37 25.78 -10.44
C LEU A 395 -17.24 26.71 -10.02
N CYS A 396 -17.39 27.99 -10.33
CA CYS A 396 -16.53 29.04 -9.76
C CYS A 396 -16.59 28.93 -8.23
N ASP A 397 -15.55 28.34 -7.67
CA ASP A 397 -15.43 28.22 -6.23
C ASP A 397 -15.19 29.61 -5.67
N ASN A 398 -15.78 29.96 -4.51
CA ASN A 398 -15.51 31.29 -3.93
C ASN A 398 -15.14 31.36 -2.45
N VAL A 399 -14.32 32.39 -2.15
CA VAL A 399 -13.40 32.45 -1.01
C VAL A 399 -13.86 32.99 0.37
N ASN A 400 -14.97 33.72 0.48
CA ASN A 400 -15.27 34.59 1.68
C ASN A 400 -14.30 35.73 1.87
N THR A 401 -14.84 36.86 2.31
CA THR A 401 -14.01 38.02 2.66
C THR A 401 -13.11 37.66 3.86
N GLN A 402 -11.93 38.30 3.92
CA GLN A 402 -10.97 38.13 5.02
C GLN A 402 -11.58 38.82 6.19
N ARG A 403 -11.44 38.24 7.38
CA ARG A 403 -11.82 38.93 8.63
C ARG A 403 -10.94 38.52 9.80
N VAL A 404 -10.76 39.47 10.74
CA VAL A 404 -9.80 39.40 11.87
C VAL A 404 -8.71 38.39 11.59
N PRO A 405 -7.76 38.75 10.71
CA PRO A 405 -6.71 37.80 10.38
C PRO A 405 -5.92 37.40 11.62
N CYS A 406 -5.73 36.09 11.81
CA CYS A 406 -5.05 35.55 12.98
C CYS A 406 -6.03 35.79 14.16
N SER A 407 -5.53 36.05 15.37
CA SER A 407 -6.34 36.67 16.44
C SER A 407 -7.76 36.09 16.66
N ASN A 408 -7.90 34.76 16.51
CA ASN A 408 -9.18 34.06 16.67
C ASN A 408 -10.19 34.31 15.53
N TRP A 411 -15.55 34.29 10.95
CA TRP A 411 -16.59 34.47 9.92
C TRP A 411 -17.98 34.09 10.47
N ASN A 412 -19.02 34.42 9.71
CA ASN A 412 -20.40 33.98 9.98
C ASN A 412 -21.32 34.15 8.74
N GLU A 413 -20.82 33.78 7.56
CA GLU A 413 -21.48 34.10 6.25
C GLU A 413 -22.14 32.88 5.59
N TRP A 414 -23.43 32.99 5.25
CA TRP A 414 -24.03 32.13 4.23
C TRP A 414 -23.26 32.50 2.94
N LEU A 415 -22.65 31.50 2.30
CA LEU A 415 -21.81 31.69 1.10
C LEU A 415 -22.48 31.04 -0.12
N ASN A 416 -22.73 31.84 -1.17
CA ASN A 416 -23.55 31.45 -2.31
C ASN A 416 -22.74 30.91 -3.50
N TYR A 417 -23.01 29.66 -3.92
CA TYR A 417 -22.31 28.98 -5.05
C TYR A 417 -23.17 28.80 -6.30
N ASP A 418 -22.50 28.80 -7.46
CA ASP A 418 -23.13 28.91 -8.79
C ASP A 418 -23.45 27.50 -9.34
N ILE A 419 -24.42 26.85 -8.71
CA ILE A 419 -24.91 25.55 -9.17
C ILE A 419 -26.30 25.39 -8.64
N TYR A 420 -27.22 24.89 -9.45
CA TYR A 420 -28.59 24.69 -8.96
C TYR A 420 -28.58 23.34 -8.25
N ILE A 421 -29.07 23.30 -7.02
CA ILE A 421 -29.07 22.08 -6.20
C ILE A 421 -29.34 20.85 -7.06
N PRO A 422 -30.45 20.81 -7.82
CA PRO A 422 -30.72 19.59 -8.59
C PRO A 422 -29.60 19.11 -9.52
N ASP A 423 -28.75 20.01 -9.99
CA ASP A 423 -27.61 19.60 -10.80
C ASP A 423 -26.47 18.91 -10.03
N LEU A 424 -26.41 19.07 -8.70
CA LEU A 424 -25.40 18.39 -7.90
C LEU A 424 -25.31 16.90 -8.32
N PRO A 425 -24.11 16.44 -8.72
CA PRO A 425 -23.94 15.03 -9.00
C PRO A 425 -23.83 14.22 -7.72
N ARG A 426 -24.09 12.92 -7.78
CA ARG A 426 -24.21 12.06 -6.58
C ARG A 426 -22.93 11.98 -5.77
N ALA A 427 -21.78 11.97 -6.44
CA ALA A 427 -20.49 12.01 -5.72
C ALA A 427 -19.91 13.44 -5.60
N ALA A 428 -20.79 14.36 -5.21
CA ALA A 428 -20.42 15.76 -5.14
C ALA A 428 -19.82 15.97 -3.79
N ARG A 429 -18.74 16.75 -3.73
CA ARG A 429 -18.06 16.98 -2.45
C ARG A 429 -17.58 18.40 -2.37
N LEU A 430 -17.80 18.99 -1.18
CA LEU A 430 -17.26 20.29 -0.81
C LEU A 430 -15.83 20.09 -0.37
N CYS A 431 -14.92 20.88 -0.92
CA CYS A 431 -13.56 20.90 -0.47
C CYS A 431 -13.29 22.24 0.11
N LEU A 432 -12.61 22.26 1.25
CA LEU A 432 -12.24 23.51 1.89
C LEU A 432 -10.80 23.53 2.43
N SER A 433 -10.38 24.73 2.84
CA SER A 433 -9.06 25.03 3.47
C SER A 433 -9.11 26.40 4.16
N ILE A 434 -7.98 26.82 4.73
CA ILE A 434 -7.80 28.15 5.36
C ILE A 434 -6.46 28.74 4.86
N CYS A 435 -6.49 29.84 4.12
CA CYS A 435 -5.32 30.31 3.34
C CYS A 435 -4.73 31.66 3.83
N SER A 436 -3.47 31.94 3.45
CA SER A 436 -2.70 33.08 3.99
C SER A 436 -2.24 34.10 2.95
N VAL A 437 -1.87 35.30 3.43
CA VAL A 437 -1.20 36.34 2.63
C VAL A 437 0.11 36.77 3.28
N CYS A 448 -0.38 30.95 0.27
CA CYS A 448 -0.20 29.61 0.84
C CYS A 448 -1.35 29.20 1.83
N PRO A 449 -1.66 27.88 1.90
CA PRO A 449 -2.69 27.27 2.78
C PRO A 449 -2.32 27.14 4.27
N LEU A 450 -3.17 26.49 5.07
CA LEU A 450 -2.88 26.26 6.52
C LEU A 450 -3.39 24.92 7.05
N ALA A 451 -4.67 24.62 6.80
CA ALA A 451 -5.29 23.36 7.22
C ALA A 451 -6.51 23.06 6.37
N TRP A 452 -6.44 21.98 5.58
CA TRP A 452 -7.50 21.58 4.63
C TRP A 452 -8.41 20.53 5.20
N GLY A 453 -9.56 20.37 4.55
CA GLY A 453 -10.58 19.32 4.84
C GLY A 453 -11.50 19.13 3.64
N ASN A 454 -12.32 18.09 3.64
CA ASN A 454 -13.42 17.95 2.64
C ASN A 454 -14.68 17.28 3.25
N ILE A 455 -15.83 17.54 2.65
CA ILE A 455 -17.03 16.84 3.04
C ILE A 455 -17.83 16.31 1.84
N ASN A 456 -18.20 15.04 1.91
CA ASN A 456 -19.25 14.48 1.05
C ASN A 456 -20.52 15.27 1.21
N LEU A 457 -21.00 15.86 0.11
CA LEU A 457 -22.25 16.60 0.13
C LEU A 457 -23.44 15.67 0.35
N PHE A 458 -23.25 14.35 0.14
CA PHE A 458 -24.28 13.38 0.50
C PHE A 458 -23.89 12.40 1.62
N ASP A 459 -24.92 11.95 2.32
CA ASP A 459 -24.84 10.94 3.34
C ASP A 459 -24.57 9.66 2.59
N TYR A 460 -23.99 8.68 3.28
CA TYR A 460 -23.92 7.37 2.70
C TYR A 460 -25.33 6.80 2.39
N THR A 461 -26.39 7.40 2.94
CA THR A 461 -27.76 6.99 2.67
C THR A 461 -28.46 7.68 1.47
N ASP A 462 -27.68 8.26 0.55
CA ASP A 462 -28.21 9.03 -0.59
C ASP A 462 -28.92 10.34 -0.16
N THR A 463 -28.63 10.82 1.06
CA THR A 463 -29.28 11.98 1.66
C THR A 463 -28.40 13.21 1.51
N LEU A 464 -28.98 14.35 1.13
CA LEU A 464 -28.23 15.60 1.04
C LEU A 464 -28.00 16.10 2.46
N VAL A 465 -26.79 16.55 2.77
CA VAL A 465 -26.49 16.90 4.15
C VAL A 465 -27.01 18.29 4.47
N SER A 466 -27.75 18.39 5.59
CA SER A 466 -28.22 19.68 6.18
C SER A 466 -27.97 19.68 7.66
N GLY A 467 -27.58 20.82 8.20
CA GLY A 467 -27.32 20.95 9.63
C GLY A 467 -25.98 21.60 9.85
N LYS A 468 -25.40 21.38 11.02
CA LYS A 468 -24.15 22.04 11.42
C LYS A 468 -23.04 20.97 11.46
N MET A 469 -21.93 21.22 10.79
CA MET A 469 -20.80 20.26 10.79
C MET A 469 -19.61 20.87 11.52
N ALA A 470 -18.90 20.03 12.27
CA ALA A 470 -17.60 20.38 12.83
C ALA A 470 -16.53 19.56 12.12
N LEU A 471 -15.74 20.22 11.28
CA LEU A 471 -14.79 19.55 10.39
C LEU A 471 -13.31 19.78 10.79
N ASN A 472 -12.76 18.83 11.54
CA ASN A 472 -11.36 18.92 11.98
C ASN A 472 -10.38 18.74 10.83
N LEU A 473 -9.42 19.64 10.72
CA LEU A 473 -8.65 19.74 9.48
C LEU A 473 -7.29 19.07 9.57
N TRP A 474 -6.81 18.78 8.37
CA TRP A 474 -5.62 18.00 8.15
C TRP A 474 -4.56 19.01 7.78
N PRO A 475 -3.32 18.82 8.27
CA PRO A 475 -2.25 19.70 7.81
C PRO A 475 -1.93 19.41 6.34
N VAL A 476 -1.38 20.39 5.63
CA VAL A 476 -1.08 20.19 4.22
C VAL A 476 0.06 19.19 4.05
N PRO A 477 -0.04 18.30 3.04
CA PRO A 477 1.05 17.36 2.78
C PRO A 477 2.30 18.06 2.30
N HIS A 478 3.46 17.65 2.81
CA HIS A 478 4.71 18.35 2.55
C HIS A 478 4.88 18.57 1.07
N GLY A 479 5.08 19.81 0.66
CA GLY A 479 5.20 20.15 -0.75
C GLY A 479 3.89 20.02 -1.51
N LEU A 480 2.79 20.36 -0.87
CA LEU A 480 1.56 20.68 -1.60
C LEU A 480 1.60 22.20 -1.75
N GLU A 481 1.88 22.64 -2.97
CA GLU A 481 1.88 24.06 -3.33
C GLU A 481 0.51 24.58 -3.79
N ASP A 482 -0.36 23.69 -4.30
CA ASP A 482 -1.75 24.04 -4.60
C ASP A 482 -2.49 24.52 -3.34
N LEU A 483 -3.63 25.18 -3.55
CA LEU A 483 -4.34 25.88 -2.46
C LEU A 483 -5.41 25.07 -1.73
N LEU A 484 -5.98 24.09 -2.44
CA LEU A 484 -7.00 23.20 -1.90
C LEU A 484 -6.60 21.76 -2.21
N ASN A 485 -7.00 20.85 -1.34
CA ASN A 485 -6.74 19.43 -1.54
C ASN A 485 -8.09 18.68 -1.75
N PRO A 486 -8.55 18.58 -3.02
CA PRO A 486 -9.71 17.76 -3.32
C PRO A 486 -9.34 16.31 -3.57
N ILE A 487 -8.12 16.07 -4.08
CA ILE A 487 -7.56 14.70 -4.18
C ILE A 487 -7.35 14.04 -2.79
N GLY A 488 -7.34 14.86 -1.72
CA GLY A 488 -7.28 14.40 -0.34
C GLY A 488 -8.44 13.56 0.12
N VAL A 489 -8.29 12.97 1.31
CA VAL A 489 -9.28 12.06 1.84
C VAL A 489 -10.54 12.78 2.35
N THR A 490 -11.67 12.11 2.17
CA THR A 490 -12.97 12.65 2.50
C THR A 490 -13.20 12.42 4.00
N GLY A 491 -13.64 13.47 4.69
CA GLY A 491 -14.02 13.39 6.10
C GLY A 491 -13.18 14.28 6.98
N SER A 492 -13.63 14.40 8.23
CA SER A 492 -12.88 15.13 9.27
C SER A 492 -11.72 14.31 9.76
N ASN A 493 -10.86 14.95 10.51
CA ASN A 493 -9.79 14.29 11.25
C ASN A 493 -10.36 13.50 12.44
N PRO A 494 -9.70 12.43 12.86
CA PRO A 494 -10.02 11.79 14.13
C PRO A 494 -9.12 12.28 15.28
N ASN A 495 -8.19 13.18 14.96
CA ASN A 495 -7.49 13.99 15.95
C ASN A 495 -8.37 15.18 16.36
N LYS A 496 -8.86 15.16 17.60
CA LYS A 496 -9.60 16.29 18.15
C LYS A 496 -8.71 17.54 18.18
N GLU A 497 -7.47 17.38 18.62
CA GLU A 497 -6.57 18.50 18.85
C GLU A 497 -5.99 19.04 17.56
N THR A 498 -6.86 19.62 16.72
CA THR A 498 -6.49 20.19 15.42
C THR A 498 -7.45 21.33 15.10
N PRO A 499 -7.05 22.25 14.20
CA PRO A 499 -8.02 23.25 13.74
C PRO A 499 -9.35 22.59 13.36
N CYS A 500 -10.35 22.80 14.21
CA CYS A 500 -11.71 22.51 13.83
C CYS A 500 -12.23 23.68 12.99
N LEU A 501 -13.33 23.43 12.27
CA LEU A 501 -14.02 24.46 11.50
C LEU A 501 -15.51 24.16 11.49
N GLU A 502 -16.31 25.04 12.09
CA GLU A 502 -17.77 24.85 12.16
C GLU A 502 -18.50 25.37 10.89
N LEU A 503 -19.51 24.62 10.45
CA LEU A 503 -20.27 24.91 9.23
C LEU A 503 -21.76 24.69 9.46
N GLU A 504 -22.57 25.26 8.57
CA GLU A 504 -24.00 24.99 8.53
C GLU A 504 -24.44 24.80 7.09
N PHE A 505 -25.19 23.73 6.87
CA PHE A 505 -25.64 23.30 5.56
C PHE A 505 -27.12 23.61 5.47
N ASP A 506 -27.48 24.39 4.44
CA ASP A 506 -28.85 24.84 4.15
C ASP A 506 -29.89 23.77 4.50
N TRP A 507 -31.02 24.16 5.09
CA TRP A 507 -32.07 23.17 5.42
C TRP A 507 -33.34 23.42 4.62
N PHE A 508 -33.72 22.44 3.79
CA PHE A 508 -34.78 22.60 2.81
C PHE A 508 -36.07 21.93 3.27
N SER A 509 -36.56 22.36 4.42
CA SER A 509 -37.92 22.05 4.88
C SER A 509 -38.22 20.56 5.14
N SER A 510 -37.30 19.68 4.79
CA SER A 510 -37.49 18.25 4.89
C SER A 510 -36.16 17.54 4.66
N VAL A 511 -36.17 16.23 4.87
CA VAL A 511 -35.06 15.36 4.44
C VAL A 511 -35.08 15.20 2.93
N VAL A 512 -33.97 15.57 2.32
CA VAL A 512 -33.77 15.57 0.87
C VAL A 512 -32.95 14.32 0.49
N LYS A 513 -33.42 13.55 -0.49
CA LYS A 513 -32.63 12.42 -1.01
C LYS A 513 -32.29 12.58 -2.49
N PHE A 514 -31.30 11.81 -2.92
CA PHE A 514 -30.96 11.74 -4.34
C PHE A 514 -32.12 10.95 -4.93
N PRO A 515 -32.39 11.11 -6.24
CA PRO A 515 -33.57 10.38 -6.78
C PRO A 515 -33.26 8.94 -7.16
N ASP A 516 -34.29 8.09 -7.16
CA ASP A 516 -34.17 6.65 -7.49
C ASP A 516 -33.90 6.55 -9.00
N MET A 517 -33.32 5.46 -9.49
CA MET A 517 -33.08 5.35 -10.94
C MET A 517 -34.37 5.52 -11.75
N SER A 518 -35.48 4.90 -11.31
CA SER A 518 -36.80 5.15 -11.89
C SER A 518 -36.96 6.60 -12.42
N VAL A 519 -36.67 7.57 -11.56
CA VAL A 519 -36.78 8.99 -11.90
C VAL A 519 -35.66 9.48 -12.80
N ILE A 520 -34.45 8.96 -12.61
CA ILE A 520 -33.29 9.41 -13.38
C ILE A 520 -33.40 8.91 -14.83
N GLU A 521 -33.87 7.67 -14.99
CA GLU A 521 -34.13 7.05 -16.31
C GLU A 521 -35.10 7.89 -17.13
N GLU A 522 -36.29 8.11 -16.57
CA GLU A 522 -37.36 8.86 -17.21
C GLU A 522 -36.75 10.15 -17.74
N HIS A 523 -36.05 10.91 -16.89
CA HIS A 523 -35.47 12.20 -17.30
C HIS A 523 -34.52 12.07 -18.49
N ALA A 524 -33.78 10.98 -18.52
CA ALA A 524 -32.94 10.69 -19.66
C ALA A 524 -33.80 10.58 -20.94
N ASN A 525 -34.75 9.67 -20.92
CA ASN A 525 -35.62 9.45 -22.06
C ASN A 525 -36.43 10.65 -22.47
N TRP A 526 -36.75 11.51 -21.51
CA TRP A 526 -37.34 12.81 -21.84
C TRP A 526 -36.28 13.66 -22.58
N SER A 527 -35.12 13.88 -21.97
CA SER A 527 -34.14 14.81 -22.55
C SER A 527 -33.68 14.36 -23.94
N VAL A 528 -33.66 13.03 -24.14
CA VAL A 528 -33.37 12.40 -25.44
C VAL A 528 -34.34 12.86 -26.52
N SER A 529 -35.64 12.67 -26.32
CA SER A 529 -36.62 13.08 -27.33
C SER A 529 -36.71 14.61 -27.45
N ARG A 530 -36.59 15.34 -26.34
CA ARG A 530 -36.43 16.82 -26.37
C ARG A 530 -35.18 17.25 -27.19
N GLU A 531 -34.13 16.41 -27.17
CA GLU A 531 -32.95 16.61 -28.03
C GLU A 531 -33.37 16.59 -29.52
N ALA A 532 -34.03 15.51 -29.95
CA ALA A 532 -34.39 15.30 -31.38
C ALA A 532 -35.42 16.29 -32.00
N GLY A 533 -35.09 17.59 -32.03
CA GLY A 533 -35.98 18.59 -32.62
C GLY A 533 -35.62 20.08 -32.55
N PHE A 534 -34.43 20.46 -33.04
CA PHE A 534 -34.10 21.87 -33.25
C PHE A 534 -33.48 22.08 -34.67
N SER A 535 -32.80 23.22 -34.89
CA SER A 535 -31.98 23.40 -36.11
C SER A 535 -30.84 24.41 -35.96
N TYR A 536 -29.76 23.96 -35.35
CA TYR A 536 -28.59 24.80 -35.08
C TYR A 536 -27.39 23.90 -34.67
N SER A 537 -26.19 24.42 -34.89
CA SER A 537 -24.97 23.62 -35.02
C SER A 537 -24.54 22.77 -33.81
N HIS A 538 -24.64 23.33 -32.60
CA HIS A 538 -23.83 22.87 -31.45
C HIS A 538 -24.48 21.85 -30.49
N ALA A 539 -23.84 20.68 -30.31
CA ALA A 539 -24.16 19.68 -29.25
C ALA A 539 -22.91 19.49 -28.35
N GLY A 540 -23.08 19.47 -27.01
CA GLY A 540 -21.93 19.52 -26.06
C GLY A 540 -22.14 19.29 -24.55
N ASN A 549 -29.25 14.18 -35.58
CA ASN A 549 -28.10 14.00 -36.47
C ASN A 549 -27.64 12.54 -36.53
N GLU A 550 -28.54 11.65 -36.98
CA GLU A 550 -28.23 10.22 -37.12
C GLU A 550 -27.49 9.92 -38.43
N LEU A 551 -26.21 10.34 -38.48
CA LEU A 551 -25.42 10.27 -39.71
C LEU A 551 -24.47 9.05 -39.70
N ARG A 552 -23.26 9.23 -39.14
CA ARG A 552 -22.04 8.35 -39.22
C ARG A 552 -20.82 9.18 -39.66
N GLU A 553 -20.55 9.23 -40.97
CA GLU A 553 -19.31 9.78 -41.57
C GLU A 553 -18.09 8.88 -41.30
N ASN A 554 -16.90 9.34 -41.72
CA ASN A 554 -15.62 8.85 -41.21
C ASN A 554 -14.77 9.93 -40.52
N ASP A 555 -15.45 10.86 -39.83
CA ASP A 555 -14.96 11.43 -38.56
C ASP A 555 -15.10 10.34 -37.51
N LYS A 556 -16.09 9.48 -37.68
CA LYS A 556 -16.15 8.14 -37.08
C LYS A 556 -14.85 7.50 -36.64
N GLU A 557 -13.78 7.63 -37.42
CA GLU A 557 -12.47 7.09 -37.01
C GLU A 557 -11.63 8.08 -36.21
N GLN A 558 -11.92 9.37 -36.33
CA GLN A 558 -11.36 10.40 -35.43
C GLN A 558 -11.88 10.28 -34.00
N LEU A 559 -12.87 9.40 -33.79
CA LEU A 559 -13.16 8.85 -32.46
C LEU A 559 -12.12 7.80 -32.13
N LYS A 560 -12.02 6.76 -32.96
CA LYS A 560 -11.08 5.65 -32.68
C LYS A 560 -9.64 6.10 -32.37
N ALA A 561 -9.21 7.22 -32.95
CA ALA A 561 -7.91 7.86 -32.62
C ALA A 561 -7.81 8.20 -31.15
N ILE A 562 -8.90 8.79 -30.64
CA ILE A 562 -9.04 9.13 -29.23
C ILE A 562 -9.04 7.86 -28.39
N SER A 563 -9.87 6.90 -28.78
CA SER A 563 -9.96 5.60 -28.13
C SER A 563 -8.62 4.93 -27.80
N THR A 564 -7.54 5.30 -28.48
CA THR A 564 -6.22 4.74 -28.18
C THR A 564 -5.28 5.60 -27.36
N ARG A 565 -5.57 6.89 -27.18
CA ARG A 565 -4.67 7.76 -26.40
C ARG A 565 -4.55 7.28 -24.94
N ASP A 566 -3.48 7.67 -24.26
CA ASP A 566 -3.31 7.25 -22.86
C ASP A 566 -4.08 8.18 -21.94
N PRO A 567 -4.52 7.68 -20.77
CA PRO A 567 -5.21 8.43 -19.72
C PRO A 567 -4.73 9.86 -19.40
N LEU A 568 -3.44 10.13 -19.51
CA LEU A 568 -2.93 11.48 -19.25
C LEU A 568 -2.79 12.41 -20.47
N SER A 569 -3.11 11.89 -21.67
CA SER A 569 -3.25 12.71 -22.89
C SER A 569 -4.48 13.57 -22.76
N GLU A 570 -4.28 14.85 -22.45
CA GLU A 570 -5.40 15.71 -22.09
C GLU A 570 -6.28 15.98 -23.31
N ILE A 571 -7.59 15.94 -23.07
CA ILE A 571 -8.61 15.94 -24.10
C ILE A 571 -9.13 17.37 -24.21
N THR A 572 -9.35 17.84 -25.44
CA THR A 572 -9.80 19.22 -25.66
C THR A 572 -11.31 19.38 -25.62
N GLU A 573 -11.73 20.60 -25.28
CA GLU A 573 -13.13 20.92 -25.11
C GLU A 573 -13.96 20.66 -26.34
N GLN A 574 -13.34 20.86 -27.50
CA GLN A 574 -13.94 20.51 -28.79
C GLN A 574 -14.13 18.99 -28.91
N GLU A 575 -13.09 18.28 -28.48
CA GLU A 575 -13.12 16.81 -28.44
C GLU A 575 -14.14 16.29 -27.43
N LYS A 576 -14.31 17.00 -26.32
CA LYS A 576 -15.37 16.68 -25.36
C LYS A 576 -16.73 16.72 -26.05
N ASP A 577 -16.98 17.85 -26.70
CA ASP A 577 -18.25 18.08 -27.37
C ASP A 577 -18.39 17.11 -28.54
N PHE A 578 -17.31 16.93 -29.29
CA PHE A 578 -17.21 15.87 -30.28
C PHE A 578 -17.72 14.55 -29.65
N LEU A 579 -17.14 14.15 -28.53
CA LEU A 579 -17.45 12.84 -27.89
C LEU A 579 -18.87 12.73 -27.33
N TRP A 580 -19.25 13.75 -26.57
CA TRP A 580 -20.56 13.78 -25.92
C TRP A 580 -21.68 13.67 -26.95
N SER A 581 -21.54 14.40 -28.05
CA SER A 581 -22.50 14.39 -29.16
C SER A 581 -22.70 13.02 -29.85
N HIS A 582 -21.63 12.26 -30.05
CA HIS A 582 -21.73 10.92 -30.65
C HIS A 582 -21.77 9.80 -29.60
N ARG A 583 -22.06 10.14 -28.35
CA ARG A 583 -22.10 9.18 -27.24
C ARG A 583 -22.82 7.84 -27.56
N HIS A 584 -23.92 7.90 -28.31
CA HIS A 584 -24.68 6.70 -28.61
C HIS A 584 -23.94 5.80 -29.60
N TYR A 585 -23.10 6.39 -30.44
CA TYR A 585 -22.22 5.61 -31.31
C TYR A 585 -21.08 4.94 -30.52
N CYS A 586 -20.47 5.66 -29.56
CA CYS A 586 -19.33 5.13 -28.77
C CYS A 586 -19.52 3.69 -28.30
N VAL A 587 -20.78 3.29 -28.07
CA VAL A 587 -21.15 1.92 -27.64
C VAL A 587 -20.64 0.75 -28.54
N THR A 588 -20.24 1.00 -29.78
CA THR A 588 -19.48 -0.02 -30.57
C THR A 588 -17.97 -0.03 -30.29
N ILE A 589 -17.45 1.05 -29.68
CA ILE A 589 -16.03 1.16 -29.23
C ILE A 589 -15.95 1.30 -27.69
N PRO A 590 -16.33 0.27 -26.93
CA PRO A 590 -16.40 0.42 -25.47
C PRO A 590 -15.17 1.10 -24.83
N GLU A 591 -13.99 0.71 -25.26
CA GLU A 591 -12.70 1.22 -24.73
C GLU A 591 -12.57 2.76 -24.66
N ILE A 592 -13.43 3.47 -25.38
CA ILE A 592 -13.45 4.94 -25.36
C ILE A 592 -14.10 5.53 -24.08
N LEU A 593 -14.92 4.71 -23.39
CA LEU A 593 -15.69 5.14 -22.20
C LEU A 593 -15.00 6.05 -21.18
N PRO A 594 -13.73 5.76 -20.80
CA PRO A 594 -13.03 6.67 -19.86
C PRO A 594 -12.94 8.11 -20.33
N LYS A 595 -12.76 8.31 -21.63
CA LYS A 595 -12.67 9.66 -22.21
C LYS A 595 -14.05 10.29 -22.26
N LEU A 596 -15.02 9.54 -22.79
CA LEU A 596 -16.40 9.97 -22.78
C LEU A 596 -16.81 10.50 -21.42
N LEU A 597 -16.62 9.68 -20.38
CA LEU A 597 -17.02 10.01 -19.00
C LEU A 597 -16.34 11.25 -18.48
N LEU A 598 -15.12 11.53 -18.91
CA LEU A 598 -14.46 12.80 -18.57
C LEU A 598 -14.97 13.97 -19.39
N SER A 599 -15.69 13.67 -20.48
CA SER A 599 -16.30 14.69 -21.32
C SER A 599 -17.67 15.16 -20.81
N VAL A 600 -18.35 14.30 -20.05
CA VAL A 600 -19.65 14.65 -19.47
C VAL A 600 -19.52 15.84 -18.53
N LYS A 601 -20.55 16.68 -18.51
CA LYS A 601 -20.61 17.80 -17.61
C LYS A 601 -21.44 17.35 -16.42
N TRP A 602 -20.76 17.08 -15.30
CA TRP A 602 -21.40 16.45 -14.14
C TRP A 602 -22.28 17.44 -13.41
N ASN A 603 -22.04 18.74 -13.66
CA ASN A 603 -22.94 19.81 -13.19
C ASN A 603 -24.12 20.13 -14.11
N SER A 604 -24.39 19.27 -15.10
CA SER A 604 -25.69 19.20 -15.74
C SER A 604 -26.30 17.82 -15.49
N ARG A 605 -27.37 17.77 -14.68
CA ARG A 605 -28.05 16.51 -14.38
C ARG A 605 -28.65 15.88 -15.62
N ASP A 606 -28.96 16.71 -16.60
CA ASP A 606 -29.37 16.26 -17.92
C ASP A 606 -28.33 15.33 -18.53
N GLU A 607 -27.08 15.82 -18.65
CA GLU A 607 -26.04 15.02 -19.30
C GLU A 607 -25.77 13.73 -18.48
N VAL A 608 -25.75 13.88 -17.16
CA VAL A 608 -25.46 12.78 -16.25
C VAL A 608 -26.56 11.71 -16.28
N ALA A 609 -27.83 12.13 -16.28
CA ALA A 609 -28.96 11.21 -16.41
C ALA A 609 -28.85 10.29 -17.63
N GLN A 610 -28.43 10.88 -18.75
CA GLN A 610 -28.25 10.15 -20.01
C GLN A 610 -27.04 9.20 -19.93
N MET A 611 -25.95 9.69 -19.32
CA MET A 611 -24.77 8.86 -19.09
C MET A 611 -25.08 7.66 -18.18
N TYR A 612 -25.68 7.93 -17.03
CA TYR A 612 -26.21 6.86 -16.15
C TYR A 612 -26.87 5.72 -16.94
N CYS A 613 -27.69 6.10 -17.93
CA CYS A 613 -28.41 5.16 -18.81
C CYS A 613 -27.55 4.44 -19.84
N LEU A 614 -26.54 5.12 -20.39
CA LEU A 614 -25.53 4.45 -21.25
C LEU A 614 -24.78 3.36 -20.47
N VAL A 615 -24.33 3.77 -19.28
CA VAL A 615 -23.51 2.96 -18.43
C VAL A 615 -24.30 1.76 -17.95
N LYS A 616 -25.61 1.94 -17.79
CA LYS A 616 -26.50 0.87 -17.36
C LYS A 616 -26.21 -0.42 -18.10
N ASP A 617 -26.29 -0.35 -19.44
CA ASP A 617 -25.97 -1.51 -20.32
C ASP A 617 -24.95 -1.11 -21.40
N TRP A 618 -23.87 -0.50 -20.94
CA TRP A 618 -22.64 -0.39 -21.71
C TRP A 618 -22.05 -1.79 -21.72
N PRO A 619 -21.23 -2.15 -22.73
CA PRO A 619 -20.72 -3.52 -22.73
C PRO A 619 -19.46 -3.62 -21.89
N PRO A 620 -19.27 -4.74 -21.18
CA PRO A 620 -18.04 -4.88 -20.41
C PRO A 620 -16.77 -4.59 -21.22
N ILE A 621 -15.78 -4.02 -20.55
CA ILE A 621 -14.45 -3.77 -21.12
C ILE A 621 -13.38 -4.56 -20.36
N LYS A 622 -12.12 -4.36 -20.73
CA LYS A 622 -11.07 -5.24 -20.22
C LYS A 622 -10.64 -4.78 -18.82
N PRO A 623 -10.51 -5.71 -17.85
CA PRO A 623 -9.93 -5.41 -16.54
C PRO A 623 -8.78 -4.39 -16.45
N GLU A 624 -7.95 -4.34 -17.49
CA GLU A 624 -6.82 -3.40 -17.54
C GLU A 624 -7.27 -1.95 -17.77
N GLN A 625 -8.50 -1.76 -18.27
CA GLN A 625 -9.09 -0.46 -18.53
C GLN A 625 -10.01 -0.05 -17.40
N ALA A 626 -10.93 -0.95 -17.03
CA ALA A 626 -11.86 -0.73 -15.89
C ALA A 626 -11.19 -0.25 -14.58
N MET A 627 -9.95 -0.69 -14.37
CA MET A 627 -9.12 -0.18 -13.31
C MET A 627 -8.94 1.33 -13.34
N GLU A 628 -8.72 1.89 -14.53
CA GLU A 628 -8.67 3.36 -14.66
C GLU A 628 -9.91 3.93 -13.95
N LEU A 629 -11.07 3.32 -14.21
CA LEU A 629 -12.34 3.78 -13.67
C LEU A 629 -12.54 3.59 -12.17
N LEU A 630 -11.48 3.30 -11.43
CA LEU A 630 -11.49 3.38 -9.99
C LEU A 630 -10.31 4.18 -9.48
N ASP A 631 -9.73 5.08 -10.29
CA ASP A 631 -8.82 6.10 -9.70
C ASP A 631 -9.63 7.28 -9.17
N CYS A 632 -8.95 8.24 -8.55
CA CYS A 632 -9.60 9.46 -8.08
C CYS A 632 -10.35 10.30 -9.14
N ASN A 633 -10.06 10.14 -10.43
CA ASN A 633 -10.78 10.90 -11.49
C ASN A 633 -12.19 10.41 -11.80
N TYR A 634 -12.59 9.27 -11.23
CA TYR A 634 -13.92 8.70 -11.45
C TYR A 634 -14.56 8.23 -10.09
N PRO A 635 -15.26 9.15 -9.42
CA PRO A 635 -15.90 8.92 -8.12
C PRO A 635 -17.34 8.42 -8.16
N ASP A 636 -18.01 8.59 -9.29
CA ASP A 636 -19.43 8.34 -9.38
C ASP A 636 -19.72 6.87 -9.10
N PRO A 637 -20.76 6.54 -8.32
CA PRO A 637 -21.13 5.16 -7.99
C PRO A 637 -21.47 4.24 -9.14
N MET A 638 -22.14 4.78 -10.16
CA MET A 638 -22.56 3.94 -11.28
C MET A 638 -21.34 3.59 -12.13
N VAL A 639 -20.48 4.57 -12.39
CA VAL A 639 -19.21 4.33 -13.09
C VAL A 639 -18.48 3.20 -12.38
N ARG A 640 -18.27 3.39 -11.08
CA ARG A 640 -17.45 2.49 -10.31
C ARG A 640 -18.03 1.14 -10.18
N GLY A 641 -19.34 1.07 -10.05
CA GLY A 641 -20.06 -0.20 -10.07
C GLY A 641 -19.76 -0.99 -11.33
N PHE A 642 -20.00 -0.36 -12.49
CA PHE A 642 -19.58 -0.88 -13.81
C PHE A 642 -18.17 -1.43 -13.77
N ALA A 643 -17.23 -0.59 -13.32
CA ALA A 643 -15.85 -1.03 -13.19
C ALA A 643 -15.72 -2.31 -12.38
N VAL A 644 -16.46 -2.45 -11.28
CA VAL A 644 -16.41 -3.68 -10.48
C VAL A 644 -17.01 -4.90 -11.21
N ARG A 645 -18.07 -4.67 -11.97
CA ARG A 645 -18.72 -5.74 -12.71
C ARG A 645 -17.68 -6.31 -13.71
N CYS A 646 -17.09 -5.44 -14.53
CA CYS A 646 -15.93 -5.81 -15.38
C CYS A 646 -14.94 -6.75 -14.68
N LEU A 647 -14.60 -6.46 -13.44
CA LEU A 647 -13.67 -7.30 -12.68
C LEU A 647 -14.29 -8.62 -12.23
N GLU A 648 -15.55 -8.59 -11.80
CA GLU A 648 -16.21 -9.83 -11.37
C GLU A 648 -16.23 -10.79 -12.53
N LYS A 649 -16.49 -10.20 -13.70
CA LYS A 649 -16.65 -10.95 -14.94
C LYS A 649 -15.33 -11.53 -15.47
N TYR A 650 -14.34 -10.67 -15.73
CA TYR A 650 -13.15 -11.06 -16.52
C TYR A 650 -11.78 -10.93 -15.82
N LEU A 651 -11.70 -11.03 -14.50
CA LEU A 651 -10.41 -10.80 -13.82
C LEU A 651 -10.00 -12.01 -13.01
N THR A 652 -8.99 -12.70 -13.55
CA THR A 652 -8.59 -14.02 -13.03
C THR A 652 -8.04 -13.87 -11.62
N ASP A 653 -8.35 -14.84 -10.75
CA ASP A 653 -7.74 -14.89 -9.41
C ASP A 653 -6.23 -14.69 -9.52
N ASP A 654 -5.60 -15.19 -10.60
CA ASP A 654 -4.20 -14.87 -10.88
C ASP A 654 -3.96 -13.34 -10.99
N LYS A 655 -4.67 -12.71 -11.91
CA LYS A 655 -4.42 -11.32 -12.32
C LYS A 655 -4.91 -10.32 -11.28
N LEU A 656 -5.92 -10.70 -10.49
CA LEU A 656 -6.27 -9.98 -9.25
C LEU A 656 -5.11 -10.02 -8.27
N SER A 657 -4.56 -11.21 -8.02
CA SER A 657 -3.37 -11.31 -7.16
C SER A 657 -2.23 -10.39 -7.57
N GLN A 658 -2.06 -10.19 -8.85
CA GLN A 658 -1.00 -9.36 -9.40
C GLN A 658 -1.23 -7.88 -9.12
N TYR A 659 -2.48 -7.46 -9.27
CA TYR A 659 -2.88 -6.05 -9.06
C TYR A 659 -3.52 -5.77 -7.69
N LEU A 660 -3.38 -6.67 -6.71
CA LEU A 660 -4.08 -6.50 -5.44
C LEU A 660 -3.68 -5.26 -4.67
N ILE A 661 -2.47 -4.74 -4.89
CA ILE A 661 -1.98 -3.55 -4.16
C ILE A 661 -2.69 -2.29 -4.63
N GLN A 662 -2.87 -2.18 -5.94
CA GLN A 662 -3.61 -1.08 -6.52
C GLN A 662 -5.02 -1.12 -5.99
N LEU A 663 -5.61 -2.31 -6.08
CA LEU A 663 -7.03 -2.47 -5.78
C LEU A 663 -7.38 -2.11 -4.35
N VAL A 664 -6.44 -2.36 -3.43
CA VAL A 664 -6.56 -1.94 -2.05
C VAL A 664 -6.33 -0.44 -1.83
N GLN A 665 -5.35 0.18 -2.51
CA GLN A 665 -5.19 1.65 -2.40
C GLN A 665 -6.38 2.40 -2.95
N VAL A 666 -7.09 1.76 -3.85
CA VAL A 666 -8.25 2.38 -4.43
C VAL A 666 -9.44 2.44 -3.46
N LEU A 667 -9.49 1.55 -2.45
CA LEU A 667 -10.56 1.59 -1.46
C LEU A 667 -10.62 2.98 -0.83
N LYS A 668 -9.46 3.62 -0.69
CA LYS A 668 -9.32 4.92 -0.03
C LYS A 668 -10.08 6.06 -0.70
N TYR A 669 -10.17 6.00 -2.03
CA TYR A 669 -10.86 7.02 -2.82
C TYR A 669 -12.34 6.76 -2.94
N GLU A 670 -12.85 5.74 -2.26
CA GLU A 670 -14.28 5.45 -2.28
C GLU A 670 -14.97 6.42 -1.33
N GLN A 671 -16.14 6.95 -1.68
CA GLN A 671 -16.82 7.91 -0.80
C GLN A 671 -17.17 7.29 0.54
N TYR A 672 -17.79 6.11 0.52
CA TYR A 672 -18.36 5.54 1.75
C TYR A 672 -17.77 4.17 2.14
N LEU A 673 -18.07 3.70 3.35
CA LEU A 673 -17.44 2.49 3.88
C LEU A 673 -17.84 1.24 3.12
N ASP A 674 -19.16 1.09 2.98
CA ASP A 674 -19.77 0.01 2.24
C ASP A 674 -19.79 0.49 0.79
N ASN A 675 -19.58 -0.44 -0.12
CA ASN A 675 -19.44 -0.14 -1.53
C ASN A 675 -19.01 -1.41 -2.22
N LEU A 676 -19.24 -1.44 -3.54
CA LEU A 676 -19.14 -2.66 -4.35
C LEU A 676 -17.73 -3.24 -4.43
N LEU A 677 -16.76 -2.36 -4.65
CA LEU A 677 -15.37 -2.77 -4.67
C LEU A 677 -14.88 -3.42 -3.38
N VAL A 678 -15.38 -3.03 -2.20
CA VAL A 678 -14.97 -3.71 -0.96
C VAL A 678 -15.61 -5.10 -0.89
N ARG A 679 -16.92 -5.15 -1.07
CA ARG A 679 -17.61 -6.43 -1.08
C ARG A 679 -16.95 -7.35 -2.11
N PHE A 680 -16.48 -6.77 -3.22
CA PHE A 680 -15.77 -7.55 -4.23
C PHE A 680 -14.51 -8.11 -3.65
N LEU A 681 -13.59 -7.25 -3.25
CA LEU A 681 -12.33 -7.74 -2.72
C LEU A 681 -12.48 -8.60 -1.44
N LEU A 682 -13.45 -8.31 -0.57
CA LEU A 682 -13.58 -9.08 0.67
C LEU A 682 -13.99 -10.53 0.34
N LYS A 683 -14.82 -10.69 -0.71
CA LYS A 683 -15.28 -12.00 -1.15
C LYS A 683 -14.07 -12.79 -1.68
N LYS A 684 -13.37 -12.22 -2.67
CA LYS A 684 -12.18 -12.86 -3.25
C LYS A 684 -11.18 -13.25 -2.17
N ALA A 685 -11.03 -12.41 -1.16
CA ALA A 685 -10.13 -12.67 -0.07
C ALA A 685 -10.55 -13.89 0.73
N LEU A 686 -11.87 -14.05 0.90
CA LEU A 686 -12.40 -15.23 1.62
C LEU A 686 -12.57 -16.52 0.74
N THR A 687 -12.64 -16.32 -0.56
CA THR A 687 -12.58 -17.42 -1.52
C THR A 687 -11.21 -18.07 -1.75
N ASN A 688 -10.10 -17.40 -1.43
CA ASN A 688 -8.79 -17.78 -1.99
C ASN A 688 -7.66 -17.33 -1.08
N GLN A 689 -7.24 -18.21 -0.19
CA GLN A 689 -6.37 -17.78 0.91
C GLN A 689 -5.16 -17.02 0.41
N ARG A 690 -4.60 -17.40 -0.73
CA ARG A 690 -3.45 -16.69 -1.29
C ARG A 690 -3.76 -15.23 -1.58
N ILE A 691 -5.02 -14.89 -1.82
CA ILE A 691 -5.39 -13.48 -1.86
C ILE A 691 -5.49 -12.96 -0.45
N GLY A 692 -6.50 -13.39 0.28
CA GLY A 692 -6.64 -13.02 1.67
C GLY A 692 -5.32 -12.72 2.37
N HIS A 693 -4.35 -13.61 2.24
CA HIS A 693 -3.05 -13.42 2.90
C HIS A 693 -2.45 -12.04 2.63
N PHE A 694 -2.28 -11.71 1.37
CA PHE A 694 -1.77 -10.39 1.03
C PHE A 694 -2.75 -9.27 1.19
N PHE A 695 -4.03 -9.57 1.02
CA PHE A 695 -5.08 -8.61 1.33
C PHE A 695 -4.98 -8.19 2.80
N PHE A 696 -4.67 -9.13 3.67
CA PHE A 696 -4.63 -8.84 5.09
C PHE A 696 -3.39 -8.10 5.38
N TRP A 697 -2.25 -8.52 4.86
CA TRP A 697 -1.01 -7.75 5.11
C TRP A 697 -1.08 -6.34 4.51
N HIS A 698 -1.63 -6.22 3.30
CA HIS A 698 -1.70 -4.91 2.69
C HIS A 698 -2.53 -3.87 3.46
N LEU A 699 -3.50 -4.30 4.26
CA LEU A 699 -4.28 -3.40 5.09
C LEU A 699 -3.54 -3.16 6.40
N LYS A 700 -3.21 -4.23 7.09
CA LYS A 700 -2.45 -4.17 8.32
C LYS A 700 -1.25 -3.26 8.21
N SER A 701 -0.49 -3.37 7.13
CA SER A 701 0.73 -2.56 6.99
C SER A 701 0.47 -1.07 7.09
N GLU A 702 -0.74 -0.67 6.71
CA GLU A 702 -1.14 0.72 6.76
C GLU A 702 -2.08 1.12 7.92
N MET A 703 -2.19 0.36 8.99
CA MET A 703 -3.07 0.80 10.06
C MET A 703 -2.49 1.99 10.81
N HIS A 704 -1.16 2.09 10.86
CA HIS A 704 -0.49 3.23 11.48
C HIS A 704 -1.04 4.56 10.95
N ASN A 705 -1.29 4.59 9.65
CA ASN A 705 -1.73 5.78 8.94
C ASN A 705 -3.19 6.10 9.26
N LYS A 706 -3.42 7.08 10.14
CA LYS A 706 -4.77 7.25 10.74
C LYS A 706 -5.88 7.73 9.80
N THR A 707 -5.53 8.18 8.59
CA THR A 707 -6.56 8.48 7.59
C THR A 707 -7.30 7.22 7.15
N VAL A 708 -6.63 6.05 7.14
CA VAL A 708 -7.29 4.77 6.76
C VAL A 708 -7.67 3.87 7.91
N SER A 709 -6.85 3.78 8.94
CA SER A 709 -7.18 3.10 10.20
C SER A 709 -8.57 2.52 10.39
N GLN A 710 -9.62 3.34 10.29
CA GLN A 710 -10.96 2.89 10.63
C GLN A 710 -11.56 2.09 9.50
N ARG A 711 -11.54 2.67 8.31
CA ARG A 711 -11.97 1.97 7.11
C ARG A 711 -11.32 0.58 6.92
N PHE A 712 -10.02 0.50 7.22
CA PHE A 712 -9.21 -0.70 7.03
C PHE A 712 -9.32 -1.65 8.20
N GLY A 713 -9.03 -1.17 9.40
CA GLY A 713 -9.38 -1.94 10.58
C GLY A 713 -10.74 -2.61 10.43
N LEU A 714 -11.79 -1.81 10.17
CA LEU A 714 -13.16 -2.38 10.04
C LEU A 714 -13.24 -3.52 9.00
N LEU A 715 -12.59 -3.30 7.86
CA LEU A 715 -12.39 -4.34 6.83
C LEU A 715 -11.60 -5.54 7.31
N LEU A 716 -10.49 -5.28 7.97
CA LEU A 716 -9.72 -6.35 8.55
C LEU A 716 -10.56 -7.18 9.52
N GLU A 717 -11.40 -6.53 10.32
CA GLU A 717 -12.24 -7.24 11.27
C GLU A 717 -13.18 -8.17 10.53
N SER A 718 -13.92 -7.65 9.55
CA SER A 718 -14.75 -8.51 8.68
C SER A 718 -13.99 -9.77 8.29
N TYR A 719 -12.78 -9.58 7.75
CA TYR A 719 -11.97 -10.69 7.24
C TYR A 719 -11.57 -11.66 8.36
N CYS A 720 -11.07 -11.13 9.47
CA CYS A 720 -10.54 -11.98 10.51
C CYS A 720 -11.58 -12.85 11.17
N ARG A 721 -12.83 -12.39 11.20
CA ARG A 721 -13.97 -13.18 11.66
C ARG A 721 -14.36 -14.28 10.73
N ALA A 722 -14.29 -14.03 9.43
CA ALA A 722 -14.76 -14.97 8.40
C ALA A 722 -13.71 -15.84 7.74
N CYS A 723 -12.42 -15.52 7.90
CA CYS A 723 -11.34 -16.23 7.14
C CYS A 723 -11.03 -17.67 7.59
N GLY A 724 -11.40 -18.03 8.81
CA GLY A 724 -11.25 -19.40 9.32
C GLY A 724 -10.00 -19.60 10.16
N MET A 725 -9.31 -20.72 9.94
CA MET A 725 -8.16 -21.03 10.78
C MET A 725 -6.96 -20.19 10.43
N TYR A 726 -6.94 -19.57 9.24
CA TYR A 726 -5.79 -18.74 8.87
C TYR A 726 -5.49 -17.67 9.92
N LEU A 727 -6.54 -17.21 10.62
CA LEU A 727 -6.38 -16.24 11.69
C LEU A 727 -5.35 -16.72 12.66
N LYS A 728 -5.29 -18.02 12.90
CA LYS A 728 -4.27 -18.58 13.81
C LYS A 728 -2.85 -18.54 13.22
N HIS A 729 -2.75 -18.68 11.92
CA HIS A 729 -1.47 -18.60 11.23
C HIS A 729 -0.98 -17.16 11.08
N LEU A 730 -1.90 -16.24 10.76
CA LEU A 730 -1.59 -14.84 10.77
C LEU A 730 -1.14 -14.45 12.17
N ASN A 731 -1.96 -14.67 13.18
CA ASN A 731 -1.55 -14.32 14.53
C ASN A 731 -0.19 -14.90 14.91
N ARG A 732 0.27 -15.95 14.26
CA ARG A 732 1.64 -16.40 14.52
C ARG A 732 2.65 -15.55 13.77
N GLN A 733 2.29 -15.13 12.56
CA GLN A 733 3.12 -14.23 11.75
C GLN A 733 3.20 -12.91 12.49
N VAL A 734 2.05 -12.45 12.98
CA VAL A 734 1.98 -11.18 13.64
C VAL A 734 2.77 -11.15 14.95
N GLU A 735 2.63 -12.20 15.79
CA GLU A 735 3.46 -12.37 17.00
C GLU A 735 4.96 -12.25 16.67
N ALA A 736 5.35 -12.87 15.56
CA ALA A 736 6.72 -12.97 15.17
C ALA A 736 7.21 -11.61 14.81
N MET A 737 6.52 -10.94 13.88
CA MET A 737 6.98 -9.64 13.40
C MET A 737 7.08 -8.68 14.57
N GLU A 738 6.17 -8.75 15.54
CA GLU A 738 6.29 -7.87 16.72
C GLU A 738 7.59 -8.12 17.47
N LYS A 739 7.93 -9.37 17.69
CA LYS A 739 9.19 -9.69 18.37
C LYS A 739 10.40 -9.13 17.62
N LEU A 740 10.38 -9.23 16.30
CA LEU A 740 11.43 -8.69 15.45
C LEU A 740 11.52 -7.17 15.48
N ILE A 741 10.37 -6.50 15.46
CA ILE A 741 10.36 -5.05 15.55
C ILE A 741 10.99 -4.62 16.90
N ASN A 742 10.56 -5.23 17.99
CA ASN A 742 11.07 -4.82 19.28
C ASN A 742 12.53 -5.17 19.47
N LEU A 743 13.03 -6.18 18.77
CA LEU A 743 14.44 -6.52 18.91
C LEU A 743 15.22 -5.49 18.12
N THR A 744 14.83 -5.27 16.86
CA THR A 744 15.55 -4.29 16.04
C THR A 744 15.55 -2.90 16.69
N ASP A 745 14.41 -2.49 17.24
CA ASP A 745 14.35 -1.24 17.97
C ASP A 745 15.42 -1.14 19.05
N ILE A 746 15.63 -2.18 19.84
CA ILE A 746 16.66 -2.09 20.89
C ILE A 746 18.01 -1.84 20.23
N LEU A 747 18.35 -2.61 19.19
CA LEU A 747 19.60 -2.38 18.45
C LEU A 747 19.70 -0.97 17.89
N LYS A 748 18.61 -0.44 17.36
CA LYS A 748 18.67 0.83 16.63
C LYS A 748 18.80 2.10 17.47
N GLN A 749 18.57 2.01 18.77
CA GLN A 749 18.40 3.23 19.56
C GLN A 749 18.66 2.99 21.05
N GLU A 750 19.73 2.27 21.31
CA GLU A 750 20.08 1.87 22.66
C GLU A 750 21.43 1.20 22.52
N LYS A 751 21.45 0.03 21.88
CA LYS A 751 22.69 -0.68 21.54
C LYS A 751 23.27 -0.28 20.17
N LYS A 752 23.39 1.04 19.98
CA LYS A 752 24.19 1.64 18.90
C LYS A 752 25.64 1.57 19.38
N ASP A 753 26.56 1.78 18.46
CA ASP A 753 27.98 1.59 18.75
C ASP A 753 28.19 0.15 19.25
N GLU A 754 28.63 -0.04 20.49
CA GLU A 754 28.82 -1.37 21.02
C GLU A 754 29.44 -2.36 19.99
N THR A 755 30.35 -1.88 19.14
CA THR A 755 30.92 -2.69 18.09
C THR A 755 29.83 -3.39 17.26
N GLN A 756 30.24 -4.34 16.42
CA GLN A 756 29.34 -5.36 15.90
C GLN A 756 29.25 -6.46 16.92
N LYS A 757 30.39 -6.89 17.44
CA LYS A 757 30.43 -8.09 18.26
C LYS A 757 29.52 -8.05 19.50
N VAL A 758 29.29 -6.87 20.09
CA VAL A 758 28.42 -6.75 21.27
C VAL A 758 26.97 -6.83 20.86
N GLN A 759 26.62 -6.08 19.82
CA GLN A 759 25.31 -6.23 19.18
C GLN A 759 24.97 -7.72 18.88
N MET A 760 25.92 -8.44 18.28
CA MET A 760 25.70 -9.82 17.90
C MET A 760 25.68 -10.77 19.08
N LYS A 761 26.35 -10.44 20.19
CA LYS A 761 26.18 -11.27 21.40
C LYS A 761 24.81 -11.04 22.01
N PHE A 762 24.37 -9.79 22.01
CA PHE A 762 23.01 -9.45 22.42
C PHE A 762 21.95 -10.02 21.50
N LEU A 763 22.26 -10.23 20.21
CA LEU A 763 21.29 -10.83 19.28
C LEU A 763 21.10 -12.29 19.61
N VAL A 764 22.17 -13.03 19.80
CA VAL A 764 22.02 -14.45 19.99
C VAL A 764 21.43 -14.74 21.37
N GLU A 765 21.86 -13.99 22.39
CA GLU A 765 21.27 -14.07 23.74
C GLU A 765 19.75 -14.09 23.68
N GLN A 766 19.21 -13.15 22.91
CA GLN A 766 17.77 -12.92 22.83
C GLN A 766 17.05 -14.01 22.11
N MET A 767 17.53 -14.36 20.93
CA MET A 767 16.90 -15.44 20.15
C MET A 767 17.10 -16.83 20.88
N ARG A 768 17.98 -16.90 21.85
CA ARG A 768 18.04 -18.10 22.68
C ARG A 768 16.90 -18.15 23.63
N ARG A 769 16.42 -17.00 24.08
CA ARG A 769 15.39 -16.93 25.13
C ARG A 769 14.13 -17.65 24.69
N PRO A 770 13.37 -18.21 25.64
CA PRO A 770 12.28 -19.12 25.27
C PRO A 770 11.05 -18.43 24.65
N ASP A 771 10.74 -17.20 25.06
CA ASP A 771 9.71 -16.40 24.40
C ASP A 771 10.00 -16.14 22.90
N PHE A 772 11.28 -15.91 22.55
CA PHE A 772 11.71 -15.77 21.13
C PHE A 772 11.68 -17.11 20.34
N MET A 773 12.18 -18.17 20.96
CA MET A 773 12.13 -19.48 20.37
C MET A 773 10.69 -19.90 20.17
N ASP A 774 9.82 -19.59 21.12
CA ASP A 774 8.38 -19.80 20.95
C ASP A 774 7.82 -19.02 19.77
N ALA A 775 8.16 -17.73 19.74
CA ALA A 775 7.55 -16.73 18.87
C ALA A 775 8.07 -16.73 17.45
N LEU A 776 9.35 -17.02 17.26
CA LEU A 776 9.97 -16.90 15.94
C LEU A 776 10.29 -18.23 15.25
N GLN A 777 9.50 -19.27 15.49
CA GLN A 777 9.95 -20.60 15.07
C GLN A 777 9.03 -21.47 14.23
N GLY A 778 7.74 -21.51 14.53
CA GLY A 778 6.87 -22.36 13.74
C GLY A 778 5.83 -21.51 13.07
N PHE A 779 6.15 -20.99 11.89
CA PHE A 779 5.18 -20.11 11.18
C PHE A 779 5.40 -19.98 9.68
N LEU A 780 4.46 -19.33 8.99
CA LEU A 780 4.57 -19.15 7.54
C LEU A 780 5.28 -17.87 7.14
N SER A 781 6.15 -17.95 6.11
CA SER A 781 6.76 -16.77 5.53
C SER A 781 5.64 -15.90 5.01
N PRO A 782 5.55 -14.62 5.50
CA PRO A 782 4.63 -13.70 4.89
C PRO A 782 5.04 -13.31 3.45
N LEU A 783 6.30 -13.47 3.06
CA LEU A 783 6.66 -13.23 1.65
C LEU A 783 5.99 -14.21 0.72
N ASN A 784 5.89 -15.46 1.18
CA ASN A 784 5.05 -16.46 0.54
C ASN A 784 4.74 -17.59 1.52
N PRO A 785 3.48 -17.70 1.98
CA PRO A 785 3.10 -18.65 3.04
C PRO A 785 3.10 -20.14 2.62
N ALA A 786 3.26 -20.35 1.30
CA ALA A 786 3.65 -21.64 0.75
C ALA A 786 4.87 -22.13 1.46
N HIS A 787 5.86 -21.27 1.63
CA HIS A 787 7.04 -21.61 2.40
C HIS A 787 6.76 -21.62 3.93
N GLN A 788 7.28 -22.63 4.61
CA GLN A 788 7.13 -22.76 6.05
C GLN A 788 8.45 -22.51 6.66
N LEU A 789 8.45 -21.81 7.77
CA LEU A 789 9.65 -21.60 8.52
C LEU A 789 9.44 -22.47 9.75
N GLY A 790 10.49 -23.15 10.15
CA GLY A 790 10.45 -23.89 11.40
C GLY A 790 11.82 -23.88 11.95
N ASN A 791 11.97 -23.70 13.25
CA ASN A 791 13.30 -23.86 13.87
C ASN A 791 14.45 -22.99 13.29
N LEU A 792 14.54 -21.77 13.80
CA LEU A 792 15.66 -20.88 13.59
C LEU A 792 17.01 -21.64 13.60
N ARG A 793 17.89 -21.31 12.66
CA ARG A 793 19.29 -21.73 12.71
C ARG A 793 20.16 -20.55 13.17
N LEU A 794 20.27 -20.36 14.48
CA LEU A 794 20.95 -19.18 15.06
C LEU A 794 22.42 -19.10 14.70
N GLU A 795 23.01 -20.27 14.49
CA GLU A 795 24.32 -20.43 13.84
C GLU A 795 24.49 -19.38 12.72
N GLU A 796 23.47 -19.29 11.89
CA GLU A 796 23.45 -18.55 10.63
C GLU A 796 22.58 -17.26 10.66
N CYS A 797 22.27 -16.75 11.85
CA CYS A 797 21.46 -15.53 11.95
C CYS A 797 22.37 -14.37 12.31
N ARG A 798 22.22 -13.25 11.64
CA ARG A 798 23.15 -12.16 11.87
C ARG A 798 22.58 -10.82 11.54
N ILE A 799 23.16 -9.80 12.17
CA ILE A 799 22.82 -8.41 11.88
C ILE A 799 23.70 -7.90 10.74
N MET A 800 23.10 -7.81 9.55
CA MET A 800 23.75 -7.21 8.42
C MET A 800 24.37 -5.84 8.76
N SER A 801 25.23 -5.36 7.87
CA SER A 801 26.13 -4.27 8.17
C SER A 801 25.44 -2.94 8.16
N SER A 802 24.43 -2.76 7.32
CA SER A 802 23.71 -1.48 7.25
C SER A 802 23.31 -0.90 8.61
N ALA A 803 23.25 0.42 8.67
CA ALA A 803 23.05 1.09 9.93
C ALA A 803 21.63 1.03 10.44
N LYS A 804 20.69 0.50 9.65
CA LYS A 804 19.29 0.38 10.12
C LYS A 804 19.09 -0.98 10.80
N ARG A 805 20.19 -1.72 10.92
CA ARG A 805 20.28 -3.01 11.61
C ARG A 805 19.26 -3.98 11.05
N PRO A 806 19.42 -4.27 9.75
CA PRO A 806 18.64 -5.33 9.18
C PRO A 806 19.17 -6.63 9.71
N LEU A 807 18.23 -7.55 9.95
CA LEU A 807 18.46 -8.91 10.44
C LEU A 807 18.35 -9.91 9.30
N TRP A 808 19.34 -10.80 9.24
CA TRP A 808 19.38 -11.90 8.28
C TRP A 808 18.93 -13.19 8.98
N LEU A 809 17.73 -13.65 8.67
CA LEU A 809 17.21 -14.77 9.40
C LEU A 809 17.15 -16.00 8.53
N ASN A 810 17.49 -17.13 9.14
CA ASN A 810 17.61 -18.39 8.46
C ASN A 810 16.96 -19.49 9.29
N TRP A 811 15.85 -20.00 8.80
CA TRP A 811 15.08 -21.07 9.44
C TRP A 811 15.27 -22.39 8.67
N GLU A 812 15.08 -23.52 9.36
CA GLU A 812 15.02 -24.84 8.70
C GLU A 812 13.74 -24.86 7.88
N ASN A 813 13.71 -25.71 6.86
CA ASN A 813 12.50 -25.93 6.04
C ASN A 813 11.91 -27.25 6.50
N PRO A 814 10.83 -27.18 7.28
CA PRO A 814 10.35 -28.37 7.95
C PRO A 814 9.73 -29.41 7.02
N ASP A 815 9.36 -29.02 5.81
CA ASP A 815 8.76 -29.90 4.80
C ASP A 815 9.43 -31.25 4.76
N ILE A 816 8.68 -32.29 4.43
CA ILE A 816 9.23 -33.66 4.55
C ILE A 816 10.21 -33.99 3.41
N MET A 817 9.99 -33.42 2.23
CA MET A 817 10.97 -33.45 1.13
C MET A 817 11.65 -32.10 0.85
N SEP A 818 12.23 -31.51 1.91
CA SEP A 818 12.99 -30.26 1.82
CB SEP A 818 13.36 -29.84 3.22
OG SEP A 818 14.22 -30.86 3.74
C SEP A 818 14.26 -30.39 0.99
O SEP A 818 14.68 -29.43 0.33
P SEP A 818 14.65 -30.89 5.29
O1P SEP A 818 13.34 -31.09 6.04
O2P SEP A 818 15.26 -29.53 5.51
O3P SEP A 818 15.62 -32.06 5.42
N GLU A 819 14.90 -31.57 1.03
CA GLU A 819 16.05 -31.91 0.14
C GLU A 819 15.88 -31.46 -1.32
N LEU A 820 14.73 -31.75 -1.91
CA LEU A 820 14.52 -31.50 -3.35
C LEU A 820 14.28 -30.03 -3.74
N LEU A 821 14.13 -29.13 -2.75
CA LEU A 821 13.84 -27.72 -2.98
C LEU A 821 14.88 -26.88 -2.28
N PHE A 822 14.63 -26.42 -1.05
CA PHE A 822 15.72 -25.83 -0.27
C PHE A 822 15.56 -26.23 1.18
N GLN A 823 16.66 -26.58 1.82
CA GLN A 823 16.63 -26.98 3.22
C GLN A 823 16.67 -25.80 4.16
N ASN A 824 17.09 -24.65 3.65
CA ASN A 824 17.26 -23.48 4.48
C ASN A 824 16.63 -22.26 3.79
N ASN A 825 15.41 -21.95 4.20
CA ASN A 825 14.76 -20.71 3.81
C ASN A 825 15.35 -19.59 4.62
N GLU A 826 15.78 -18.52 3.95
CA GLU A 826 16.31 -17.32 4.65
C GLU A 826 15.84 -16.00 4.02
N ILE A 827 15.47 -15.05 4.89
CA ILE A 827 14.95 -13.76 4.47
C ILE A 827 15.42 -12.64 5.40
N ILE A 828 15.24 -11.39 4.96
CA ILE A 828 15.81 -10.23 5.66
C ILE A 828 14.71 -9.37 6.23
N PHE A 829 14.74 -9.15 7.54
CA PHE A 829 13.80 -8.27 8.21
C PHE A 829 14.46 -6.91 8.41
N LYS A 830 14.02 -5.89 7.69
CA LYS A 830 14.64 -4.55 7.75
C LYS A 830 13.75 -3.48 8.39
N ASN A 831 14.08 -3.12 9.62
CA ASN A 831 13.35 -2.07 10.31
C ASN A 831 14.03 -0.73 10.18
N GLY A 832 13.47 0.14 9.37
CA GLY A 832 14.02 1.48 9.15
C GLY A 832 13.54 2.14 7.88
N ASP A 833 13.91 1.57 6.74
CA ASP A 833 13.49 2.07 5.45
C ASP A 833 12.01 1.81 5.20
N ASP A 834 11.40 2.67 4.40
CA ASP A 834 10.05 2.48 3.88
C ASP A 834 10.14 1.62 2.63
N LEU A 835 9.47 0.47 2.67
CA LEU A 835 9.58 -0.52 1.59
C LEU A 835 8.62 -0.28 0.42
N ARG A 836 7.46 0.34 0.69
CA ARG A 836 6.41 0.36 -0.31
C ARG A 836 6.75 1.01 -1.64
N GLN A 837 7.84 1.74 -1.75
CA GLN A 837 8.30 2.17 -3.08
C GLN A 837 8.97 0.97 -3.74
N ASP A 838 9.92 0.33 -3.06
CA ASP A 838 10.57 -0.87 -3.60
C ASP A 838 9.51 -1.88 -4.01
N MET A 839 8.60 -2.17 -3.09
CA MET A 839 7.41 -2.99 -3.33
C MET A 839 6.81 -2.72 -4.72
N LEU A 840 6.58 -1.44 -5.03
CA LEU A 840 5.96 -1.08 -6.28
C LEU A 840 6.88 -1.30 -7.50
N THR A 841 8.14 -0.88 -7.45
CA THR A 841 8.98 -0.95 -8.68
C THR A 841 9.16 -2.43 -9.05
N LEU A 842 9.36 -3.29 -8.05
CA LEU A 842 9.37 -4.74 -8.24
C LEU A 842 8.06 -5.24 -8.83
N GLN A 843 6.94 -4.76 -8.32
CA GLN A 843 5.65 -5.06 -8.97
C GLN A 843 5.68 -4.72 -10.45
N ILE A 844 6.12 -3.50 -10.77
CA ILE A 844 6.07 -2.98 -12.14
C ILE A 844 7.02 -3.81 -13.00
N ILE A 845 8.24 -4.01 -12.48
CA ILE A 845 9.22 -4.90 -13.11
C ILE A 845 8.62 -6.27 -13.39
N ARG A 846 7.91 -6.87 -12.43
CA ARG A 846 7.30 -8.19 -12.67
C ARG A 846 6.34 -8.15 -13.85
N ILE A 847 5.59 -7.06 -13.95
CA ILE A 847 4.55 -6.87 -14.97
C ILE A 847 5.14 -6.69 -16.36
N MET A 848 6.32 -6.06 -16.43
CA MET A 848 7.04 -5.96 -17.69
C MET A 848 7.47 -7.37 -18.11
N GLU A 849 8.14 -8.09 -17.21
CA GLU A 849 8.62 -9.42 -17.54
C GLU A 849 7.48 -10.27 -18.18
N ASN A 850 6.27 -10.21 -17.63
CA ASN A 850 5.13 -10.91 -18.25
C ASN A 850 4.77 -10.37 -19.61
N ILE A 851 4.67 -9.04 -19.72
CA ILE A 851 4.31 -8.43 -21.01
C ILE A 851 5.34 -8.82 -22.07
N TRP A 852 6.58 -9.04 -21.65
CA TRP A 852 7.58 -9.60 -22.55
C TRP A 852 7.30 -11.09 -22.84
N GLN A 853 7.65 -12.02 -21.93
CA GLN A 853 7.38 -13.47 -22.16
C GLN A 853 6.20 -13.78 -23.09
N ASN A 854 5.02 -13.31 -22.72
CA ASN A 854 3.78 -13.65 -23.42
C ASN A 854 3.50 -12.80 -24.66
N GLN A 855 4.50 -12.02 -25.06
CA GLN A 855 4.65 -11.46 -26.41
C GLN A 855 5.91 -12.10 -27.06
N GLY A 856 6.23 -13.34 -26.67
CA GLY A 856 7.47 -14.05 -27.06
C GLY A 856 8.75 -13.21 -27.08
N LEU A 857 9.37 -12.97 -25.93
CA LEU A 857 10.45 -11.98 -25.84
C LEU A 857 11.26 -12.11 -24.54
N ASP A 858 11.92 -13.27 -24.41
CA ASP A 858 12.57 -13.70 -23.16
C ASP A 858 13.66 -12.77 -22.61
N LEU A 859 13.23 -11.73 -21.89
CA LEU A 859 14.13 -10.94 -21.06
C LEU A 859 13.88 -11.38 -19.63
N ARG A 860 14.92 -11.84 -18.95
CA ARG A 860 14.76 -12.44 -17.65
C ARG A 860 15.16 -11.44 -16.57
N MET A 861 14.12 -10.94 -15.90
CA MET A 861 14.21 -10.08 -14.74
C MET A 861 14.01 -10.93 -13.49
N LEU A 862 14.49 -10.40 -12.37
CA LEU A 862 14.41 -11.09 -11.08
C LEU A 862 13.77 -10.17 -10.06
N PRO A 863 12.43 -10.00 -10.14
CA PRO A 863 11.74 -9.14 -9.21
C PRO A 863 11.60 -9.83 -7.88
N TYR A 864 12.67 -9.76 -7.12
CA TYR A 864 12.74 -10.45 -5.86
C TYR A 864 11.58 -10.09 -4.94
N GLY A 865 11.39 -10.91 -3.91
CA GLY A 865 10.25 -10.74 -3.00
C GLY A 865 10.43 -9.62 -1.99
N CYS A 866 9.42 -8.75 -1.86
CA CYS A 866 9.45 -7.68 -0.89
C CYS A 866 8.07 -7.28 -0.36
N LEU A 867 7.94 -7.14 0.95
CA LEU A 867 6.63 -6.88 1.58
C LEU A 867 6.80 -5.84 2.69
N SER A 868 6.03 -4.75 2.60
CA SER A 868 5.88 -3.78 3.67
C SER A 868 4.84 -4.33 4.62
N ILE A 869 5.16 -4.34 5.91
CA ILE A 869 4.29 -4.91 6.96
C ILE A 869 3.97 -3.98 8.14
N GLY A 870 4.08 -2.67 7.91
CA GLY A 870 4.04 -1.65 8.97
C GLY A 870 4.76 -0.37 8.58
N ASP A 871 4.78 0.65 9.46
CA ASP A 871 5.40 1.95 9.10
C ASP A 871 6.90 1.81 9.00
N CYS A 872 7.40 1.79 7.75
CA CYS A 872 8.83 1.55 7.45
C CYS A 872 9.38 0.31 8.16
N VAL A 873 8.86 -0.85 7.78
CA VAL A 873 9.21 -2.15 8.38
C VAL A 873 8.83 -3.14 7.31
N GLY A 874 9.69 -4.12 7.06
CA GLY A 874 9.40 -5.06 5.97
C GLY A 874 10.25 -6.29 5.90
N LEU A 875 9.99 -7.11 4.90
CA LEU A 875 10.79 -8.29 4.67
C LEU A 875 11.28 -8.27 3.23
N ILE A 876 12.54 -8.67 3.03
CA ILE A 876 13.11 -8.74 1.69
C ILE A 876 13.70 -10.11 1.53
N GLU A 877 13.15 -10.87 0.58
CA GLU A 877 13.61 -12.21 0.16
C GLU A 877 15.06 -12.21 -0.10
N VAL A 878 15.78 -13.20 0.40
CA VAL A 878 17.18 -13.38 -0.05
C VAL A 878 17.21 -14.14 -1.36
N VAL A 879 18.10 -13.70 -2.25
CA VAL A 879 18.39 -14.34 -3.53
C VAL A 879 19.79 -14.92 -3.40
N ARG A 880 19.88 -16.23 -3.25
CA ARG A 880 21.13 -16.94 -2.92
C ARG A 880 22.14 -16.92 -4.11
N ASN A 881 23.44 -16.99 -3.81
CA ASN A 881 24.48 -17.05 -4.86
C ASN A 881 24.51 -15.79 -5.75
N SER A 882 24.45 -14.63 -5.13
CA SER A 882 24.56 -13.37 -5.86
C SER A 882 25.47 -12.47 -5.08
N HIS A 883 26.08 -11.54 -5.78
CA HIS A 883 27.01 -10.59 -5.17
C HIS A 883 26.92 -9.36 -6.01
N THR A 884 27.35 -8.25 -5.41
CA THR A 884 27.31 -6.97 -6.10
C THR A 884 28.54 -6.88 -6.98
N ILE A 885 28.43 -6.05 -8.02
CA ILE A 885 29.54 -5.87 -8.95
C ILE A 885 30.79 -5.50 -8.15
N MET A 886 30.63 -4.63 -7.14
CA MET A 886 31.70 -4.29 -6.21
C MET A 886 32.27 -5.46 -5.35
N GLN A 887 31.46 -6.46 -5.05
CA GLN A 887 31.98 -7.68 -4.40
C GLN A 887 32.81 -8.49 -5.37
N ILE A 888 32.33 -8.60 -6.61
CA ILE A 888 33.10 -9.23 -7.68
C ILE A 888 34.48 -8.58 -7.84
N GLN A 889 34.53 -7.24 -7.74
CA GLN A 889 35.77 -6.46 -7.92
C GLN A 889 36.79 -6.70 -6.82
N CYS A 890 36.35 -7.01 -5.61
CA CYS A 890 37.27 -7.39 -4.53
C CYS A 890 37.79 -8.83 -4.62
N LYS A 891 36.92 -9.76 -4.97
CA LYS A 891 37.31 -11.19 -5.02
C LYS A 891 38.35 -11.50 -6.11
N GLY A 892 38.31 -10.78 -7.23
CA GLY A 892 39.31 -10.87 -8.29
C GLY A 892 40.37 -9.77 -8.32
N GLY A 893 40.33 -8.85 -7.34
CA GLY A 893 41.25 -7.71 -7.29
C GLY A 893 42.64 -8.13 -6.86
N LEU A 894 43.58 -8.04 -7.81
CA LEU A 894 44.97 -8.47 -7.59
C LEU A 894 45.67 -7.69 -6.46
N LYS A 895 45.74 -8.31 -5.28
CA LYS A 895 46.64 -7.93 -4.18
C LYS A 895 46.58 -6.43 -3.76
N GLY A 896 47.73 -5.80 -3.47
CA GLY A 896 47.83 -4.39 -3.08
C GLY A 896 47.16 -3.42 -4.04
N ALA A 897 46.60 -2.36 -3.47
CA ALA A 897 45.55 -1.57 -4.13
C ALA A 897 46.11 -0.64 -5.21
N LEU A 898 45.82 -0.94 -6.47
CA LEU A 898 46.19 -0.09 -7.62
C LEU A 898 44.93 0.19 -8.46
N GLN A 899 44.35 -0.88 -9.02
CA GLN A 899 43.04 -0.83 -9.70
C GLN A 899 42.49 -2.27 -9.78
N PHE A 900 41.18 -2.41 -9.93
CA PHE A 900 40.53 -3.71 -10.03
C PHE A 900 40.82 -4.41 -11.37
N ASN A 901 40.38 -3.81 -12.49
CA ASN A 901 40.40 -4.36 -13.87
C ASN A 901 38.96 -4.49 -14.40
N SER A 902 38.72 -4.08 -15.64
CA SER A 902 37.37 -4.15 -16.26
C SER A 902 36.90 -5.56 -16.61
N HIS A 903 37.85 -6.46 -16.85
CA HIS A 903 37.54 -7.86 -17.19
C HIS A 903 37.33 -8.75 -15.95
N THR A 904 37.54 -8.25 -14.71
CA THR A 904 37.37 -9.11 -13.53
C THR A 904 35.95 -9.68 -13.41
N LEU A 905 34.94 -8.93 -13.85
CA LEU A 905 33.57 -9.44 -13.93
C LEU A 905 33.49 -10.59 -14.95
N HIS A 906 33.93 -10.30 -16.16
CA HIS A 906 33.91 -11.28 -17.25
C HIS A 906 34.79 -12.49 -16.96
N GLN A 907 35.87 -12.28 -16.20
CA GLN A 907 36.72 -13.39 -15.77
C GLN A 907 36.04 -14.19 -14.66
N TRP A 908 35.31 -13.49 -13.80
CA TRP A 908 34.56 -14.13 -12.73
C TRP A 908 33.46 -15.06 -13.27
N LEU A 909 32.84 -14.69 -14.39
CA LEU A 909 31.80 -15.52 -15.02
C LEU A 909 32.34 -16.78 -15.66
N LYS A 910 33.53 -16.68 -16.23
CA LYS A 910 34.18 -17.82 -16.83
C LYS A 910 34.44 -18.85 -15.74
N ASP A 911 35.00 -18.44 -14.61
CA ASP A 911 35.20 -19.35 -13.47
C ASP A 911 33.93 -20.15 -13.09
N LYS A 912 32.77 -19.51 -13.15
CA LYS A 912 31.49 -20.21 -12.86
C LYS A 912 31.08 -21.00 -14.06
N ASN A 913 30.87 -20.31 -15.18
CA ASN A 913 30.33 -20.94 -16.37
C ASN A 913 31.45 -21.37 -17.34
N LYS A 914 31.92 -22.59 -17.12
CA LYS A 914 32.97 -23.22 -17.92
C LYS A 914 32.39 -24.19 -18.93
N GLY A 915 32.74 -24.00 -20.21
CA GLY A 915 32.48 -25.02 -21.21
C GLY A 915 31.40 -24.58 -22.14
N GLU A 916 30.54 -25.53 -22.51
CA GLU A 916 29.41 -25.24 -23.41
C GLU A 916 28.45 -24.28 -22.69
N ILE A 917 28.41 -24.37 -21.35
CA ILE A 917 27.57 -23.48 -20.56
C ILE A 917 27.94 -22.01 -20.78
N TYR A 918 29.24 -21.67 -20.69
CA TYR A 918 29.69 -20.28 -20.94
C TYR A 918 28.78 -19.48 -21.91
N ASP A 919 28.56 -20.01 -23.11
CA ASP A 919 27.70 -19.28 -24.07
C ASP A 919 26.33 -18.96 -23.47
N ALA A 920 25.70 -19.98 -22.89
CA ALA A 920 24.40 -19.81 -22.26
C ALA A 920 24.40 -18.75 -21.14
N ALA A 921 25.43 -18.75 -20.31
CA ALA A 921 25.54 -17.79 -19.20
C ALA A 921 25.79 -16.38 -19.67
N ILE A 922 26.41 -16.20 -20.83
CA ILE A 922 26.53 -14.86 -21.43
C ILE A 922 25.16 -14.41 -21.95
N ASP A 923 24.47 -15.30 -22.66
CA ASP A 923 23.12 -15.01 -23.08
C ASP A 923 22.34 -14.42 -21.92
N LEU A 924 22.37 -15.11 -20.77
CA LEU A 924 21.51 -14.72 -19.61
C LEU A 924 21.75 -13.30 -19.12
N PHE A 925 23.02 -13.02 -18.92
CA PHE A 925 23.53 -11.68 -18.70
C PHE A 925 22.94 -10.77 -19.74
N THR A 926 23.24 -11.07 -21.00
CA THR A 926 22.87 -10.23 -22.10
C THR A 926 21.33 -9.99 -22.12
N ARG A 927 20.54 -11.01 -21.85
CA ARG A 927 19.09 -10.85 -21.82
C ARG A 927 18.68 -10.01 -20.62
N SER A 928 19.20 -10.32 -19.43
CA SER A 928 18.77 -9.65 -18.20
C SER A 928 19.21 -8.19 -18.23
N CYS A 929 20.50 -8.01 -18.49
CA CYS A 929 21.11 -6.69 -18.72
C CYS A 929 20.31 -5.77 -19.68
N ALA A 930 19.59 -6.35 -20.64
CA ALA A 930 18.72 -5.58 -21.55
C ALA A 930 17.44 -5.19 -20.84
N GLY A 931 16.63 -6.19 -20.50
CA GLY A 931 15.39 -5.96 -19.77
C GLY A 931 15.51 -4.93 -18.65
N TYR A 932 16.60 -5.01 -17.87
CA TYR A 932 16.86 -4.02 -16.81
C TYR A 932 17.30 -2.67 -17.39
N CYS A 933 18.05 -2.68 -18.48
CA CYS A 933 18.39 -1.40 -19.11
C CYS A 933 17.14 -0.63 -19.56
N VAL A 934 16.15 -1.32 -20.12
CA VAL A 934 14.89 -0.70 -20.60
C VAL A 934 14.01 -0.21 -19.42
N ALA A 935 13.67 -1.13 -18.52
CA ALA A 935 12.83 -0.82 -17.35
C ALA A 935 13.39 0.32 -16.51
N THR A 936 14.69 0.27 -16.24
CA THR A 936 15.32 1.28 -15.41
C THR A 936 15.29 2.67 -16.06
N PHE A 937 15.44 2.72 -17.38
CA PHE A 937 15.26 3.98 -18.14
C PHE A 937 13.81 4.42 -18.07
N ILE A 938 12.90 3.49 -18.32
CA ILE A 938 11.47 3.79 -18.38
C ILE A 938 10.91 4.37 -17.06
N LEU A 939 11.24 3.72 -15.96
CA LEU A 939 10.71 4.11 -14.66
C LEU A 939 11.51 5.27 -14.09
N GLY A 940 12.77 5.39 -14.51
CA GLY A 940 13.61 6.51 -14.11
C GLY A 940 14.13 6.37 -12.70
N ILE A 941 14.20 5.13 -12.21
CA ILE A 941 14.70 4.81 -10.87
C ILE A 941 16.12 5.33 -10.65
N GLY A 942 16.50 5.52 -9.39
CA GLY A 942 17.75 6.19 -9.01
C GLY A 942 18.99 5.60 -9.67
N ASP A 943 20.05 6.39 -9.71
CA ASP A 943 21.25 6.02 -10.45
C ASP A 943 21.77 4.66 -9.99
N ARG A 944 21.92 3.75 -10.95
CA ARG A 944 22.56 2.46 -10.71
C ARG A 944 24.04 2.70 -10.58
N HIS A 945 24.68 2.05 -9.61
CA HIS A 945 26.14 2.06 -9.42
C HIS A 945 26.64 0.65 -9.02
N ASN A 946 27.92 0.51 -8.74
CA ASN A 946 28.48 -0.82 -8.46
C ASN A 946 27.89 -1.53 -7.25
N SER A 947 27.56 -0.79 -6.20
CA SER A 947 27.02 -1.41 -5.00
C SER A 947 25.51 -1.77 -5.10
N ASN A 948 24.78 -1.30 -6.13
CA ASN A 948 23.36 -1.69 -6.30
C ASN A 948 22.95 -2.51 -7.57
N ILE A 949 23.93 -3.01 -8.28
CA ILE A 949 23.67 -3.99 -9.31
C ILE A 949 24.19 -5.24 -8.69
N MET A 950 23.56 -6.37 -9.02
CA MET A 950 24.04 -7.68 -8.58
C MET A 950 24.08 -8.63 -9.75
N VAL A 951 25.05 -9.55 -9.67
CA VAL A 951 25.24 -10.57 -10.67
C VAL A 951 25.27 -11.91 -9.95
N LYS A 952 24.41 -12.82 -10.42
CA LYS A 952 24.39 -14.20 -9.94
C LYS A 952 25.45 -15.09 -10.57
N ASP A 953 25.85 -16.15 -9.84
CA ASP A 953 26.75 -17.25 -10.34
C ASP A 953 26.36 -17.77 -11.72
N ASP A 954 25.07 -18.02 -11.92
CA ASP A 954 24.62 -18.41 -13.27
C ASP A 954 24.63 -17.31 -14.35
N GLY A 955 25.15 -16.13 -14.03
CA GLY A 955 25.31 -15.02 -14.98
C GLY A 955 24.13 -14.08 -15.18
N GLN A 956 23.10 -14.19 -14.34
CA GLN A 956 21.96 -13.26 -14.40
C GLN A 956 22.33 -12.02 -13.60
N LEU A 957 21.92 -10.87 -14.14
CA LEU A 957 22.18 -9.56 -13.54
C LEU A 957 20.83 -9.02 -13.13
N PHE A 958 20.79 -8.39 -11.94
CA PHE A 958 19.52 -7.85 -11.39
C PHE A 958 19.72 -6.73 -10.37
N HIS A 959 18.89 -5.67 -10.47
CA HIS A 959 19.01 -4.46 -9.62
C HIS A 959 18.29 -4.53 -8.26
N ILE A 960 18.88 -3.87 -7.28
CA ILE A 960 18.37 -3.83 -5.93
C ILE A 960 18.42 -2.40 -5.36
N ASP A 961 17.73 -2.20 -4.22
CA ASP A 961 17.58 -0.88 -3.58
C ASP A 961 17.41 0.23 -4.62
N PHE A 962 16.19 0.34 -5.14
CA PHE A 962 15.93 1.15 -6.32
C PHE A 962 15.95 2.65 -6.09
N GLY A 963 15.65 3.08 -4.86
CA GLY A 963 15.53 4.49 -4.53
C GLY A 963 14.24 5.06 -5.08
N HIS A 964 14.24 6.36 -5.34
CA HIS A 964 13.04 7.05 -5.84
C HIS A 964 12.78 6.61 -7.26
N PHE A 965 11.53 6.34 -7.62
CA PHE A 965 11.25 5.83 -8.99
C PHE A 965 11.14 6.93 -10.02
N LEU A 966 10.19 7.84 -9.94
CA LEU A 966 9.86 8.59 -11.16
C LEU A 966 10.75 9.79 -11.46
N ASP A 967 12.04 9.69 -11.06
CA ASP A 967 13.08 10.74 -11.20
C ASP A 967 12.77 11.89 -10.27
N HIS A 968 12.47 11.55 -9.01
CA HIS A 968 11.76 12.44 -8.08
C HIS A 968 12.34 13.86 -8.01
N LYS A 969 13.53 13.97 -7.42
CA LYS A 969 14.12 15.30 -7.12
C LYS A 969 15.21 15.81 -8.08
N LYS A 970 15.74 14.93 -8.92
CA LYS A 970 16.67 15.38 -9.97
C LYS A 970 15.95 15.97 -11.20
N LYS A 971 14.78 16.59 -11.02
CA LYS A 971 14.12 17.42 -12.05
C LYS A 971 14.34 18.93 -11.82
N LYS A 972 15.30 19.27 -10.95
CA LYS A 972 15.57 20.67 -10.56
C LYS A 972 16.28 21.47 -11.67
N ARG A 977 17.64 15.45 -16.11
CA ARG A 977 16.45 15.51 -16.96
C ARG A 977 16.59 14.55 -18.16
N GLU A 978 15.55 13.74 -18.40
CA GLU A 978 15.51 12.65 -19.41
C GLU A 978 16.59 11.59 -19.14
N ARG A 979 16.74 11.23 -17.87
CA ARG A 979 17.92 10.53 -17.37
C ARG A 979 18.01 9.04 -17.74
N VAL A 980 19.25 8.56 -17.84
CA VAL A 980 19.54 7.15 -18.09
C VAL A 980 20.21 6.65 -16.82
N PRO A 981 19.45 5.92 -15.97
CA PRO A 981 20.04 5.58 -14.67
C PRO A 981 20.94 4.37 -14.68
N PHE A 982 20.71 3.44 -15.61
CA PHE A 982 21.62 2.31 -15.78
C PHE A 982 22.49 2.53 -17.00
N VAL A 983 23.77 2.79 -16.74
CA VAL A 983 24.78 3.06 -17.75
C VAL A 983 25.64 1.80 -17.94
N LEU A 984 25.80 1.38 -19.19
CA LEU A 984 26.57 0.20 -19.51
C LEU A 984 28.00 0.67 -19.53
N THR A 985 28.73 0.41 -18.45
CA THR A 985 30.16 0.67 -18.45
C THR A 985 30.88 -0.42 -19.25
N GLN A 986 32.19 -0.24 -19.45
CA GLN A 986 33.04 -1.24 -20.14
C GLN A 986 32.78 -2.63 -19.58
N ASP A 987 32.93 -2.72 -18.26
CA ASP A 987 32.74 -3.94 -17.44
C ASP A 987 31.68 -4.88 -17.96
N PHE A 988 30.50 -4.33 -18.19
CA PHE A 988 29.37 -5.09 -18.73
C PHE A 988 29.59 -5.37 -20.19
N LEU A 989 29.88 -4.31 -20.94
CA LEU A 989 29.97 -4.39 -22.40
C LEU A 989 30.85 -5.52 -22.88
N ILE A 990 31.92 -5.77 -22.12
CA ILE A 990 32.83 -6.89 -22.37
C ILE A 990 32.02 -8.18 -22.28
N VAL A 991 31.45 -8.45 -21.11
CA VAL A 991 30.64 -9.66 -20.86
C VAL A 991 29.62 -9.86 -21.99
N ILE A 992 29.02 -8.78 -22.49
CA ILE A 992 28.00 -8.86 -23.53
C ILE A 992 28.65 -9.28 -24.84
N SER A 993 29.76 -8.63 -25.20
CA SER A 993 30.58 -8.93 -26.41
C SER A 993 31.66 -10.01 -26.19
N LYS A 994 31.25 -11.09 -25.52
CA LYS A 994 32.15 -12.03 -24.84
C LYS A 994 33.49 -11.46 -24.37
N GLY A 995 34.50 -11.48 -25.22
CA GLY A 995 35.86 -11.13 -24.81
C GLY A 995 36.37 -9.83 -25.41
N ALA A 996 35.64 -9.30 -26.39
CA ALA A 996 36.26 -8.41 -27.36
C ALA A 996 36.87 -7.13 -26.77
N GLN A 997 37.93 -6.66 -27.42
CA GLN A 997 38.42 -5.30 -27.22
C GLN A 997 37.85 -4.52 -28.40
N GLU A 998 37.65 -3.21 -28.18
CA GLU A 998 36.76 -2.39 -29.03
C GLU A 998 35.38 -3.08 -29.04
N CYS A 999 34.78 -3.18 -27.85
CA CYS A 999 33.58 -4.01 -27.60
C CYS A 999 32.24 -3.37 -28.04
N THR A 1000 32.24 -2.08 -28.33
CA THR A 1000 31.03 -1.34 -28.71
C THR A 1000 30.43 -1.73 -30.06
N LYS A 1001 31.23 -2.34 -30.95
CA LYS A 1001 30.87 -2.53 -32.35
C LYS A 1001 30.82 -4.01 -32.77
N THR A 1002 30.71 -4.92 -31.81
CA THR A 1002 30.64 -6.37 -32.06
C THR A 1002 29.26 -6.80 -32.58
N ARG A 1003 29.16 -8.02 -33.07
CA ARG A 1003 27.86 -8.55 -33.52
C ARG A 1003 26.98 -8.91 -32.33
N GLU A 1004 27.60 -9.18 -31.17
CA GLU A 1004 26.87 -9.54 -29.94
C GLU A 1004 26.10 -8.31 -29.43
N PHE A 1005 26.84 -7.21 -29.30
CA PHE A 1005 26.31 -5.89 -28.93
C PHE A 1005 25.18 -5.34 -29.81
N GLU A 1006 25.19 -5.67 -31.10
CA GLU A 1006 24.08 -5.27 -31.95
C GLU A 1006 22.84 -6.10 -31.65
N ARG A 1007 23.01 -7.40 -31.37
CA ARG A 1007 21.87 -8.25 -31.01
C ARG A 1007 21.28 -7.84 -29.67
N PHE A 1008 22.14 -7.39 -28.75
CA PHE A 1008 21.72 -6.78 -27.46
C PHE A 1008 20.88 -5.53 -27.66
N GLN A 1009 21.34 -4.62 -28.52
CA GLN A 1009 20.55 -3.44 -28.88
C GLN A 1009 19.17 -3.81 -29.44
N GLU A 1010 19.13 -4.84 -30.29
CA GLU A 1010 17.89 -5.35 -30.88
C GLU A 1010 16.86 -5.76 -29.83
N MET A 1011 17.31 -6.41 -28.75
CA MET A 1011 16.40 -6.83 -27.67
C MET A 1011 15.84 -5.56 -27.01
N CYS A 1012 16.73 -4.63 -26.69
CA CYS A 1012 16.33 -3.34 -26.13
C CYS A 1012 15.24 -2.67 -26.96
N TYR A 1013 15.49 -2.49 -28.26
CA TYR A 1013 14.51 -1.85 -29.16
C TYR A 1013 13.18 -2.58 -29.20
N LYS A 1014 13.22 -3.91 -29.22
CA LYS A 1014 12.00 -4.72 -29.24
C LYS A 1014 11.24 -4.59 -27.93
N ALA A 1015 11.99 -4.55 -26.82
CA ALA A 1015 11.42 -4.56 -25.46
C ALA A 1015 10.81 -3.23 -25.11
N TYR A 1016 11.57 -2.15 -25.26
CA TYR A 1016 11.06 -0.77 -25.12
C TYR A 1016 9.74 -0.55 -25.90
N LEU A 1017 9.69 -0.92 -27.17
CA LEU A 1017 8.44 -0.84 -27.91
C LEU A 1017 7.31 -1.72 -27.32
N ALA A 1018 7.66 -2.88 -26.75
CA ALA A 1018 6.68 -3.78 -26.12
C ALA A 1018 5.93 -3.12 -24.96
N ILE A 1019 6.70 -2.48 -24.09
CA ILE A 1019 6.15 -1.72 -22.98
C ILE A 1019 5.29 -0.58 -23.52
N ARG A 1020 5.82 0.12 -24.52
CA ARG A 1020 5.12 1.28 -25.06
C ARG A 1020 3.73 0.88 -25.52
N GLN A 1021 3.61 -0.22 -26.26
CA GLN A 1021 2.29 -0.71 -26.70
C GLN A 1021 1.30 -0.89 -25.53
N HIS A 1022 1.82 -1.32 -24.38
CA HIS A 1022 1.01 -1.46 -23.15
C HIS A 1022 1.13 -0.28 -22.16
N ALA A 1023 1.48 0.92 -22.63
CA ALA A 1023 1.71 2.07 -21.74
C ALA A 1023 0.52 2.42 -20.87
N ASN A 1024 -0.68 2.20 -21.40
CA ASN A 1024 -1.92 2.47 -20.65
C ASN A 1024 -1.92 1.88 -19.24
N LEU A 1025 -1.77 0.55 -19.17
CA LEU A 1025 -1.69 -0.21 -17.90
C LEU A 1025 -0.83 0.42 -16.82
N PHE A 1026 0.36 0.85 -17.21
CA PHE A 1026 1.36 1.38 -16.29
C PHE A 1026 0.89 2.73 -15.79
N ILE A 1027 0.41 3.56 -16.71
CA ILE A 1027 -0.11 4.87 -16.36
C ILE A 1027 -1.20 4.73 -15.28
N ASN A 1028 -2.06 3.72 -15.43
CA ASN A 1028 -3.14 3.46 -14.48
C ASN A 1028 -2.64 2.87 -13.18
N LEU A 1029 -1.82 1.83 -13.30
CA LEU A 1029 -1.20 1.23 -12.12
C LEU A 1029 -0.60 2.33 -11.27
N PHE A 1030 0.08 3.27 -11.93
CA PHE A 1030 0.67 4.41 -11.25
C PHE A 1030 -0.42 5.33 -10.66
N SER A 1031 -1.41 5.65 -11.49
CA SER A 1031 -2.52 6.53 -11.10
C SER A 1031 -3.28 6.05 -9.87
N MET A 1032 -3.58 4.74 -9.82
CA MET A 1032 -4.29 4.14 -8.66
C MET A 1032 -3.50 4.26 -7.37
N MET A 1033 -2.19 4.44 -7.49
CA MET A 1033 -1.32 4.54 -6.34
C MET A 1033 -1.14 5.94 -5.80
N LEU A 1034 -1.95 6.90 -6.28
CA LEU A 1034 -1.88 8.25 -5.72
C LEU A 1034 -2.38 8.32 -4.28
N GLY A 1035 -3.25 7.38 -3.90
CA GLY A 1035 -3.75 7.27 -2.52
C GLY A 1035 -2.69 7.03 -1.45
N SER A 1036 -1.82 6.03 -1.70
CA SER A 1036 -0.75 5.68 -0.76
C SER A 1036 0.14 6.88 -0.55
N GLY A 1037 0.62 7.04 0.67
CA GLY A 1037 1.26 8.28 1.07
C GLY A 1037 2.68 8.49 0.56
N MET A 1038 2.92 8.18 -0.72
CA MET A 1038 4.28 8.08 -1.23
C MET A 1038 4.69 9.44 -1.77
N PRO A 1039 5.81 10.00 -1.26
CA PRO A 1039 6.19 11.35 -1.70
C PRO A 1039 6.59 11.43 -3.17
N GLU A 1040 6.79 10.26 -3.79
CA GLU A 1040 7.13 10.12 -5.21
C GLU A 1040 5.85 10.21 -6.06
N LEU A 1041 4.68 10.11 -5.43
CA LEU A 1041 3.39 10.08 -6.11
C LEU A 1041 2.36 10.89 -5.35
N GLN A 1042 2.31 12.19 -5.63
CA GLN A 1042 1.28 13.08 -5.10
C GLN A 1042 0.30 13.62 -6.17
N SER A 1043 0.76 13.76 -7.42
CA SER A 1043 -0.04 14.31 -8.52
C SER A 1043 -0.06 13.38 -9.70
N PHE A 1044 -0.88 13.67 -10.70
CA PHE A 1044 -0.74 13.04 -12.01
C PHE A 1044 0.48 13.59 -12.73
N ASP A 1045 0.74 14.88 -12.54
CA ASP A 1045 1.91 15.47 -13.16
C ASP A 1045 3.24 14.93 -12.59
N ASP A 1046 3.19 14.11 -11.55
CA ASP A 1046 4.36 13.31 -11.17
C ASP A 1046 4.59 12.19 -12.18
N ILE A 1047 3.50 11.48 -12.49
CA ILE A 1047 3.47 10.31 -13.40
C ILE A 1047 3.86 10.74 -14.81
N ALA A 1048 3.66 12.03 -15.09
CA ALA A 1048 4.26 12.69 -16.25
C ALA A 1048 5.50 12.03 -16.84
N TYR A 1049 6.55 11.90 -16.02
CA TYR A 1049 7.88 11.36 -16.44
C TYR A 1049 7.77 10.13 -17.33
N ILE A 1050 6.95 9.17 -16.90
CA ILE A 1050 6.72 7.96 -17.69
C ILE A 1050 6.22 8.23 -19.13
N ARG A 1051 5.53 9.34 -19.32
CA ARG A 1051 5.02 9.73 -20.63
C ARG A 1051 6.14 10.24 -21.55
N LYS A 1052 7.01 11.11 -21.01
CA LYS A 1052 8.16 11.65 -21.75
C LYS A 1052 9.06 10.50 -22.15
N THR A 1053 9.38 9.72 -21.13
CA THR A 1053 10.15 8.48 -21.24
C THR A 1053 9.75 7.52 -22.39
N LEU A 1054 8.46 7.25 -22.49
CA LEU A 1054 7.92 6.37 -23.54
C LEU A 1054 7.56 7.15 -24.79
N ALA A 1055 7.45 8.48 -24.64
CA ALA A 1055 7.14 9.40 -25.73
C ALA A 1055 5.91 8.91 -26.47
N LEU A 1056 4.78 9.07 -25.81
CA LEU A 1056 3.49 8.66 -26.35
C LEU A 1056 2.94 9.77 -27.30
N ASP A 1057 3.32 11.02 -27.04
CA ASP A 1057 2.90 12.16 -27.85
C ASP A 1057 3.50 12.12 -29.27
N LYS A 1058 4.67 11.48 -29.41
CA LYS A 1058 5.33 11.29 -30.71
C LYS A 1058 4.81 10.04 -31.43
N THR A 1059 5.31 9.78 -32.65
CA THR A 1059 5.12 8.50 -33.35
C THR A 1059 6.08 7.49 -32.72
N GLU A 1060 5.90 6.22 -33.02
CA GLU A 1060 6.83 5.20 -32.50
C GLU A 1060 8.18 5.20 -33.21
N GLN A 1061 8.19 5.60 -34.50
CA GLN A 1061 9.42 5.99 -35.20
C GLN A 1061 10.19 7.02 -34.38
N GLU A 1062 9.50 8.09 -34.01
CA GLU A 1062 10.06 9.15 -33.18
C GLU A 1062 10.40 8.66 -31.75
N ALA A 1063 9.62 7.71 -31.22
CA ALA A 1063 9.85 7.11 -29.88
C ALA A 1063 11.13 6.29 -29.83
N LEU A 1064 11.24 5.34 -30.76
CA LEU A 1064 12.49 4.58 -30.95
C LEU A 1064 13.69 5.50 -30.99
N GLU A 1065 13.63 6.44 -31.91
CA GLU A 1065 14.73 7.37 -32.14
C GLU A 1065 14.94 8.30 -30.93
N TYR A 1066 13.88 8.59 -30.18
CA TYR A 1066 14.05 9.19 -28.87
C TYR A 1066 14.86 8.27 -27.95
N PHE A 1067 14.54 6.97 -27.97
CA PHE A 1067 15.25 5.98 -27.15
C PHE A 1067 16.73 5.89 -27.53
N MET A 1068 16.98 5.64 -28.81
CA MET A 1068 18.34 5.57 -29.36
C MET A 1068 19.15 6.80 -28.98
N LYS A 1069 18.59 7.99 -29.25
CA LYS A 1069 19.22 9.25 -28.85
C LYS A 1069 19.66 9.23 -27.40
N GLN A 1070 18.70 8.97 -26.52
CA GLN A 1070 18.99 9.03 -25.09
C GLN A 1070 19.98 7.96 -24.69
N MET A 1071 19.87 6.78 -25.28
CA MET A 1071 20.85 5.71 -25.03
C MET A 1071 22.23 6.06 -25.62
N ASN A 1072 22.25 6.80 -26.73
CA ASN A 1072 23.50 7.36 -27.28
C ASN A 1072 24.10 8.44 -26.36
N ASP A 1073 23.26 9.39 -25.93
CA ASP A 1073 23.67 10.48 -25.01
C ASP A 1073 24.36 10.01 -23.72
N ALA A 1074 23.95 8.84 -23.21
CA ALA A 1074 24.44 8.33 -21.93
C ALA A 1074 25.83 7.75 -22.05
N HIS A 1075 26.10 7.04 -23.13
CA HIS A 1075 27.38 6.33 -23.32
C HIS A 1075 28.39 7.07 -24.21
N HIS A 1076 27.95 8.15 -24.87
CA HIS A 1076 28.72 8.81 -25.94
C HIS A 1076 28.85 7.90 -27.17
N GLY A 1077 29.57 6.78 -27.04
CA GLY A 1077 29.67 5.76 -28.09
C GLY A 1077 28.47 4.82 -28.26
N GLY A 1078 28.34 4.25 -29.46
CA GLY A 1078 27.25 3.34 -29.81
C GLY A 1078 25.90 4.01 -29.96
N TRP A 1079 24.94 3.28 -30.52
CA TRP A 1079 23.50 3.65 -30.60
C TRP A 1079 23.12 4.60 -31.78
N THR A 1080 23.40 4.17 -33.03
CA THR A 1080 23.11 4.93 -34.27
C THR A 1080 22.61 4.01 -35.40
N THR A 1081 21.29 3.88 -35.55
CA THR A 1081 20.69 3.02 -36.61
C THR A 1081 19.17 3.21 -36.79
N LEU B 7 2.44 36.56 -32.55
CA LEU B 7 2.77 35.31 -33.31
C LEU B 7 4.00 34.62 -32.70
N GLN B 8 5.17 35.23 -32.86
CA GLN B 8 6.45 34.79 -32.30
C GLN B 8 7.24 35.91 -31.61
N ASP B 9 6.60 37.08 -31.43
CA ASP B 9 7.29 38.32 -31.02
C ASP B 9 6.41 39.09 -30.02
N GLU B 20 1.97 19.22 -21.71
CA GLU B 20 2.32 18.63 -20.41
C GLU B 20 2.99 19.63 -19.47
N GLU B 21 4.15 20.14 -19.89
CA GLU B 21 4.89 21.20 -19.16
C GLU B 21 4.01 22.41 -18.84
N VAL B 22 3.02 22.68 -19.72
CA VAL B 22 1.99 23.71 -19.50
C VAL B 22 1.31 23.43 -18.16
N ASN B 23 0.78 22.21 -18.06
CA ASN B 23 -0.03 21.81 -16.91
C ASN B 23 0.80 21.79 -15.62
N GLU B 24 2.09 21.45 -15.75
CA GLU B 24 3.06 21.60 -14.65
C GLU B 24 3.30 23.07 -14.30
N LYS B 25 3.88 23.82 -15.24
CA LYS B 25 4.43 25.15 -14.97
C LYS B 25 3.37 26.23 -14.77
N LEU B 26 2.23 26.15 -15.47
CA LEU B 26 1.06 26.98 -15.16
C LEU B 26 0.47 26.48 -13.85
N ARG B 27 0.99 27.00 -12.74
CA ARG B 27 0.64 26.50 -11.41
C ARG B 27 -0.71 27.03 -10.89
N ASP B 28 -1.17 28.18 -11.39
CA ASP B 28 -2.39 28.85 -10.91
C ASP B 28 -2.83 29.97 -11.83
N THR B 29 -4.03 30.52 -11.57
CA THR B 29 -4.47 31.77 -12.20
C THR B 29 -5.16 32.68 -11.19
N THR B 33 -4.22 33.26 -17.09
CA THR B 33 -5.35 32.70 -17.83
C THR B 33 -5.17 32.71 -19.35
N PHE B 34 -3.92 32.85 -19.81
CA PHE B 34 -3.60 32.81 -21.24
C PHE B 34 -2.27 32.04 -21.41
N LEU B 35 -2.21 31.06 -22.34
CA LEU B 35 -0.92 30.42 -22.69
C LEU B 35 -0.77 29.93 -24.14
N VAL B 36 0.45 30.13 -24.66
CA VAL B 36 0.83 30.08 -26.08
C VAL B 36 1.71 28.81 -26.31
N ARG B 37 1.10 27.66 -26.61
CA ARG B 37 1.88 26.40 -26.80
C ARG B 37 2.11 25.93 -28.26
N ASP B 38 3.38 25.57 -28.55
CA ASP B 38 3.90 24.95 -29.81
C ASP B 38 4.72 25.93 -30.68
N GLY B 45 -5.67 21.72 -35.22
CA GLY B 45 -4.74 22.81 -35.00
C GLY B 45 -3.35 22.31 -34.67
N ASP B 46 -2.35 23.17 -34.89
CA ASP B 46 -0.94 22.88 -34.57
C ASP B 46 -0.40 23.65 -33.34
N TYR B 47 -1.18 24.63 -32.84
CA TYR B 47 -0.90 25.34 -31.58
C TYR B 47 -2.05 25.06 -30.60
N THR B 48 -1.91 25.45 -29.33
CA THR B 48 -2.91 25.12 -28.27
C THR B 48 -3.06 26.16 -27.14
N LEU B 49 -4.32 26.51 -26.86
CA LEU B 49 -4.66 27.56 -25.91
C LEU B 49 -5.06 26.90 -24.58
N THR B 50 -4.52 27.41 -23.47
CA THR B 50 -4.69 26.78 -22.14
C THR B 50 -5.13 27.80 -21.03
N LEU B 51 -6.34 28.34 -21.23
CA LEU B 51 -6.94 29.33 -20.31
C LEU B 51 -7.42 28.75 -18.97
N GLY B 54 -13.40 31.81 -17.47
CA GLY B 54 -13.76 30.41 -17.72
C GLY B 54 -13.60 29.55 -16.48
N GLY B 55 -13.18 28.30 -16.68
CA GLY B 55 -12.98 27.35 -15.57
C GLY B 55 -11.63 26.65 -15.65
N ASN B 56 -11.37 25.78 -14.67
CA ASN B 56 -10.15 24.95 -14.52
C ASN B 56 -8.87 25.35 -15.34
N ASN B 57 -8.42 24.52 -16.28
CA ASN B 57 -7.31 24.84 -17.19
C ASN B 57 -7.63 24.27 -18.56
N LYS B 58 -8.50 24.98 -19.26
CA LYS B 58 -9.29 24.42 -20.35
C LYS B 58 -8.61 24.62 -21.71
N LEU B 59 -8.60 23.58 -22.55
CA LEU B 59 -7.79 23.60 -23.79
C LEU B 59 -8.49 23.18 -25.10
N ILE B 60 -8.06 23.81 -26.21
CA ILE B 60 -8.69 23.75 -27.55
C ILE B 60 -7.72 24.19 -28.66
N LYS B 61 -7.95 23.73 -29.90
CA LYS B 61 -7.21 24.22 -31.09
C LYS B 61 -7.78 23.89 -32.49
N ILE B 62 -7.63 24.85 -33.42
CA ILE B 62 -8.13 24.78 -34.82
C ILE B 62 -6.97 25.18 -35.75
N PHE B 63 -6.98 24.71 -37.01
CA PHE B 63 -5.97 25.15 -38.03
C PHE B 63 -6.22 26.62 -38.47
N HIS B 64 -5.46 27.12 -39.45
CA HIS B 64 -5.62 28.50 -39.97
C HIS B 64 -6.98 28.69 -40.68
N ARG B 65 -8.08 28.74 -39.92
CA ARG B 65 -9.43 28.61 -40.49
C ARG B 65 -10.16 29.95 -40.75
N ASP B 66 -9.88 30.97 -39.94
CA ASP B 66 -10.54 32.28 -40.07
C ASP B 66 -9.65 33.43 -39.59
N SER B 79 -7.21 35.62 -40.52
CA SER B 79 -6.67 36.56 -39.54
C SER B 79 -5.55 35.94 -38.67
N VAL B 80 -5.83 34.77 -38.11
CA VAL B 80 -4.88 34.02 -37.25
C VAL B 80 -4.54 34.75 -35.93
N VAL B 81 -3.54 35.63 -35.92
CA VAL B 81 -3.04 36.27 -34.67
C VAL B 81 -3.56 37.73 -34.49
N GLU B 82 -4.87 37.90 -34.67
CA GLU B 82 -5.60 39.13 -34.28
C GLU B 82 -6.97 38.81 -33.68
N LEU B 83 -7.62 37.75 -34.17
CA LEU B 83 -8.67 37.05 -33.41
C LEU B 83 -8.13 36.48 -32.07
N ILE B 84 -6.82 36.24 -31.98
CA ILE B 84 -6.15 35.90 -30.70
C ILE B 84 -6.30 37.03 -29.68
N ASN B 85 -6.17 38.29 -30.13
CA ASN B 85 -6.37 39.45 -29.23
C ASN B 85 -7.83 39.63 -28.77
N HIS B 86 -8.79 39.15 -29.56
CA HIS B 86 -10.22 39.31 -29.25
C HIS B 86 -10.67 38.45 -28.07
N TYR B 87 -10.54 37.12 -28.16
CA TYR B 87 -10.94 36.19 -27.07
C TYR B 87 -10.38 36.64 -25.70
N ARG B 88 -9.12 37.07 -25.74
CA ARG B 88 -8.33 37.58 -24.59
C ARG B 88 -9.13 38.43 -23.60
N ASN B 89 -9.87 39.42 -24.13
CA ASN B 89 -10.70 40.33 -23.31
C ASN B 89 -12.21 40.42 -23.65
N GLU B 90 -12.65 40.03 -24.86
CA GLU B 90 -14.05 40.20 -25.29
C GLU B 90 -14.62 39.02 -26.11
N SER B 91 -15.90 38.73 -25.90
CA SER B 91 -16.64 37.62 -26.54
C SER B 91 -15.98 36.21 -26.41
N LEU B 92 -15.90 35.45 -27.51
CA LEU B 92 -15.79 33.98 -27.51
C LEU B 92 -17.10 33.34 -27.03
N ALA B 93 -18.20 33.92 -27.49
CA ALA B 93 -19.54 33.42 -27.22
C ALA B 93 -19.98 32.42 -28.30
N GLN B 94 -19.06 31.96 -29.15
CA GLN B 94 -19.35 30.87 -30.10
C GLN B 94 -19.17 29.48 -29.45
N TYR B 95 -19.26 29.44 -28.12
CA TYR B 95 -18.79 28.34 -27.27
C TYR B 95 -19.50 28.46 -25.92
N ASN B 96 -19.20 27.56 -24.98
CA ASN B 96 -19.96 27.51 -23.72
C ASN B 96 -19.79 28.74 -22.79
N PRO B 97 -18.62 28.94 -22.12
CA PRO B 97 -18.43 30.26 -21.51
C PRO B 97 -17.57 31.17 -22.40
N LYS B 98 -17.92 32.45 -22.42
CA LYS B 98 -17.18 33.49 -23.17
C LYS B 98 -16.19 34.27 -22.29
N LEU B 99 -16.09 33.88 -21.01
CA LEU B 99 -15.73 34.79 -19.91
C LEU B 99 -14.23 34.82 -19.58
N SER B 108 -0.37 35.04 -20.38
CA SER B 108 0.68 35.98 -20.00
C SER B 108 2.07 35.33 -20.10
N LYS B 109 3.10 36.13 -20.42
CA LYS B 109 4.48 35.62 -20.67
C LYS B 109 5.59 36.72 -20.62
N TYR B 110 6.78 36.38 -21.13
CA TYR B 110 7.85 37.33 -21.57
C TYR B 110 8.99 37.54 -20.56
N GLN B 111 8.67 37.96 -19.34
CA GLN B 111 9.63 38.28 -18.23
C GLN B 111 9.97 39.77 -18.12
N GLN B 112 9.94 40.28 -16.88
CA GLN B 112 10.18 41.70 -16.55
C GLN B 112 10.51 41.81 -15.03
N ASP B 113 10.17 42.93 -14.38
CA ASP B 113 10.17 43.06 -12.90
C ASP B 113 11.57 42.90 -12.29
N GLN B 114 12.57 43.49 -12.94
CA GLN B 114 13.96 43.47 -12.48
C GLN B 114 14.50 42.03 -12.33
N LYS B 127 22.45 38.79 -13.04
CA LYS B 127 22.28 37.34 -13.06
C LYS B 127 23.26 36.70 -12.07
N LEU B 128 22.73 35.92 -11.13
CA LEU B 128 23.54 35.31 -10.06
C LEU B 128 23.00 34.00 -9.48
N HIS B 129 23.94 33.23 -8.91
CA HIS B 129 23.66 32.05 -8.10
C HIS B 129 22.87 32.49 -6.86
N GLU B 130 23.54 32.88 -5.77
CA GLU B 130 22.91 33.60 -4.64
C GLU B 130 21.64 32.97 -4.01
N TYR B 131 20.53 32.97 -4.76
CA TYR B 131 19.23 32.50 -4.28
C TYR B 131 19.15 31.00 -4.00
N ASN B 132 19.85 30.18 -4.78
CA ASN B 132 19.78 28.73 -4.60
C ASN B 132 20.28 28.22 -3.25
N THR B 133 21.34 28.83 -2.71
CA THR B 133 21.81 28.53 -1.36
C THR B 133 20.79 29.01 -0.31
N GLN B 134 20.13 30.13 -0.59
CA GLN B 134 19.02 30.62 0.26
C GLN B 134 17.85 29.64 0.16
N PHE B 135 17.36 29.46 -1.07
CA PHE B 135 16.24 28.56 -1.38
C PHE B 135 16.43 27.16 -0.78
N GLN B 136 17.53 26.50 -1.14
CA GLN B 136 17.76 25.10 -0.78
C GLN B 136 18.20 24.86 0.68
N GLU B 137 18.90 25.83 1.28
CA GLU B 137 19.24 25.76 2.71
C GLU B 137 18.22 26.49 3.61
N LYS B 138 17.16 27.05 3.02
CA LYS B 138 15.90 27.34 3.71
C LYS B 138 14.93 26.14 3.61
N SER B 139 14.91 25.50 2.43
CA SER B 139 14.20 24.23 2.24
C SER B 139 14.68 23.21 3.26
N ARG B 140 15.99 22.97 3.31
CA ARG B 140 16.59 22.03 4.25
C ARG B 140 16.05 22.20 5.69
N GLU B 141 15.79 23.44 6.12
CA GLU B 141 15.17 23.68 7.44
C GLU B 141 13.71 23.24 7.44
N TYR B 142 12.92 23.78 6.50
CA TYR B 142 11.51 23.36 6.28
C TYR B 142 11.37 21.83 6.35
N ASP B 143 12.30 21.14 5.67
CA ASP B 143 12.39 19.68 5.65
C ASP B 143 12.63 19.09 7.03
N ARG B 144 13.69 19.55 7.71
CA ARG B 144 13.96 19.10 9.09
C ARG B 144 12.91 19.60 10.10
N LEU B 145 12.18 20.65 9.75
CA LEU B 145 11.01 21.05 10.54
C LEU B 145 9.79 20.17 10.26
N TYR B 146 9.62 19.68 9.03
CA TYR B 146 8.60 18.66 8.78
C TYR B 146 8.89 17.44 9.66
N GLU B 147 10.16 17.04 9.74
CA GLU B 147 10.55 15.90 10.57
C GLU B 147 10.27 16.14 12.06
N GLU B 148 10.71 17.28 12.61
CA GLU B 148 10.37 17.63 14.00
C GLU B 148 8.84 17.63 14.19
N TYR B 149 8.16 18.33 13.28
CA TYR B 149 6.69 18.34 13.20
C TYR B 149 6.17 16.90 13.27
N THR B 150 6.68 16.07 12.36
CA THR B 150 6.30 14.66 12.23
C THR B 150 6.50 13.88 13.53
N ARG B 151 7.76 13.76 13.99
CA ARG B 151 8.07 13.06 15.26
C ARG B 151 7.09 13.47 16.32
N THR B 152 7.08 14.77 16.60
CA THR B 152 6.32 15.32 17.71
C THR B 152 4.85 14.94 17.65
N SER B 153 4.25 14.95 16.46
CA SER B 153 2.85 14.57 16.30
C SER B 153 2.64 13.14 16.82
N GLN B 154 3.45 12.22 16.30
CA GLN B 154 3.46 10.82 16.74
C GLN B 154 3.81 10.73 18.23
N GLU B 155 4.75 11.57 18.69
CA GLU B 155 5.10 11.66 20.11
C GLU B 155 3.94 12.14 20.98
N ILE B 156 3.19 13.13 20.50
CA ILE B 156 2.07 13.75 21.23
C ILE B 156 0.92 12.78 21.50
N GLN B 157 0.57 12.00 20.49
CA GLN B 157 -0.49 10.99 20.63
C GLN B 157 0.03 9.86 21.48
N MET B 158 1.29 9.47 21.26
CA MET B 158 2.00 8.51 22.14
C MET B 158 1.81 8.83 23.62
N LYS B 159 1.96 10.11 23.96
CA LYS B 159 1.63 10.59 25.29
C LYS B 159 0.14 10.47 25.58
N ARG B 160 -0.72 11.15 24.82
CA ARG B 160 -2.16 11.14 25.17
C ARG B 160 -2.65 9.72 25.51
N THR B 161 -2.27 8.76 24.67
CA THR B 161 -2.68 7.38 24.85
C THR B 161 -1.94 6.70 26.00
N ALA B 162 -0.78 7.27 26.37
CA ALA B 162 -0.08 6.93 27.63
C ALA B 162 -0.68 7.56 28.89
N ILE B 163 -1.29 8.74 28.74
CA ILE B 163 -2.13 9.31 29.81
C ILE B 163 -3.39 8.45 29.98
N GLU B 164 -3.99 8.05 28.85
CA GLU B 164 -5.13 7.13 28.88
C GLU B 164 -4.80 5.84 29.61
N ALA B 165 -3.56 5.40 29.50
CA ALA B 165 -3.09 4.25 30.26
C ALA B 165 -3.17 4.56 31.73
N PHE B 166 -2.51 5.65 32.16
CA PHE B 166 -2.52 6.07 33.57
C PHE B 166 -3.95 6.19 34.10
N ASN B 167 -4.73 7.14 33.54
CA ASN B 167 -6.12 7.40 33.97
C ASN B 167 -6.86 6.10 34.29
N GLU B 168 -6.66 5.11 33.43
CA GLU B 168 -7.34 3.84 33.51
C GLU B 168 -6.69 2.94 34.53
N THR B 169 -5.36 2.90 34.52
CA THR B 169 -4.58 2.16 35.54
C THR B 169 -5.10 2.52 36.93
N ILE B 170 -5.12 3.84 37.18
CA ILE B 170 -5.56 4.43 38.44
C ILE B 170 -6.90 3.86 38.92
N LYS B 171 -7.95 4.08 38.14
CA LYS B 171 -9.29 3.53 38.44
C LYS B 171 -9.29 2.10 39.03
N ILE B 172 -8.28 1.30 38.71
CA ILE B 172 -8.16 -0.04 39.27
C ILE B 172 -7.59 0.05 40.68
N PHE B 173 -6.62 0.94 40.86
CA PHE B 173 -6.08 1.22 42.19
C PHE B 173 -7.01 2.06 43.07
N GLU B 174 -7.84 2.90 42.48
CA GLU B 174 -8.90 3.58 43.23
C GLU B 174 -9.89 2.52 43.69
N GLU B 175 -10.35 1.70 42.75
CA GLU B 175 -11.23 0.55 43.05
C GLU B 175 -10.64 -0.41 44.08
N GLN B 176 -9.31 -0.46 44.21
CA GLN B 176 -8.65 -1.36 45.16
C GLN B 176 -8.49 -0.79 46.58
N CYS B 177 -8.22 0.51 46.71
CA CYS B 177 -8.30 1.16 48.02
C CYS B 177 -9.69 0.90 48.60
N GLN B 178 -10.71 1.12 47.74
CA GLN B 178 -12.12 0.88 48.08
C GLN B 178 -12.49 -0.62 48.26
N THR B 179 -11.83 -1.54 47.57
CA THR B 179 -12.05 -2.94 47.85
C THR B 179 -11.48 -3.29 49.23
N GLN B 180 -10.41 -2.62 49.66
CA GLN B 180 -9.88 -2.81 51.02
C GLN B 180 -10.67 -1.99 52.06
N GLU B 181 -11.13 -0.81 51.67
CA GLU B 181 -12.08 0.00 52.46
C GLU B 181 -13.28 -0.83 52.96
N ARG B 182 -13.92 -1.55 52.04
CA ARG B 182 -15.05 -2.44 52.37
C ARG B 182 -14.62 -3.56 53.31
N TYR B 183 -13.47 -4.16 53.05
CA TYR B 183 -12.97 -5.30 53.85
C TYR B 183 -12.21 -4.92 55.14
N SER B 184 -11.80 -3.64 55.26
CA SER B 184 -11.30 -3.04 56.53
C SER B 184 -12.44 -2.75 57.51
N LYS B 185 -13.49 -2.10 57.02
CA LYS B 185 -14.76 -1.91 57.76
C LYS B 185 -15.38 -3.25 58.19
N GLU B 186 -15.56 -4.15 57.23
CA GLU B 186 -16.25 -5.44 57.44
C GLU B 186 -15.58 -6.35 58.49
N TYR B 187 -14.27 -6.17 58.72
CA TYR B 187 -13.54 -6.96 59.74
C TYR B 187 -12.68 -6.11 60.69
N ILE B 188 -13.29 -5.06 61.28
CA ILE B 188 -12.63 -4.28 62.36
C ILE B 188 -12.83 -5.10 63.65
N ASN B 196 -5.05 -9.94 66.89
CA ASN B 196 -5.78 -8.99 67.73
C ASN B 196 -5.49 -7.56 67.23
N GLU B 197 -5.18 -6.60 68.11
CA GLU B 197 -4.66 -5.26 67.68
C GLU B 197 -3.27 -5.30 66.96
N LYS B 198 -2.66 -6.50 66.85
CA LYS B 198 -1.55 -6.78 65.92
C LYS B 198 -2.05 -6.99 64.49
N GLU B 199 -2.91 -8.00 64.28
CA GLU B 199 -3.50 -8.33 62.94
C GLU B 199 -4.14 -7.14 62.26
N ILE B 200 -4.63 -6.21 63.07
CA ILE B 200 -5.21 -4.94 62.61
C ILE B 200 -4.07 -4.01 62.11
N GLN B 201 -2.98 -3.90 62.87
CA GLN B 201 -1.83 -3.08 62.47
C GLN B 201 -1.12 -3.57 61.20
N ARG B 202 -0.93 -4.89 61.08
CA ARG B 202 -0.43 -5.52 59.84
C ARG B 202 -1.38 -5.18 58.68
N ILE B 203 -2.68 -5.41 58.89
CA ILE B 203 -3.72 -5.01 57.93
C ILE B 203 -3.73 -3.49 57.65
N MET B 204 -3.57 -2.66 58.67
CA MET B 204 -3.46 -1.21 58.46
C MET B 204 -2.26 -0.84 57.57
N HIS B 205 -1.14 -1.55 57.69
CA HIS B 205 0.07 -1.26 56.88
C HIS B 205 -0.07 -1.48 55.36
N ASN B 206 -0.76 -2.55 54.98
CA ASN B 206 -0.86 -2.95 53.57
C ASN B 206 -1.70 -1.94 52.77
N TYR B 207 -2.73 -1.44 53.45
CA TYR B 207 -3.46 -0.24 53.03
C TYR B 207 -2.53 0.96 52.83
N ASP B 208 -1.62 1.20 53.78
CA ASP B 208 -0.71 2.36 53.69
C ASP B 208 0.14 2.39 52.40
N LYS B 209 0.50 1.21 51.87
CA LYS B 209 1.25 1.12 50.59
C LYS B 209 0.38 1.55 49.42
N LEU B 210 -0.80 0.92 49.29
CA LEU B 210 -1.81 1.33 48.30
C LEU B 210 -1.81 2.83 47.99
N LYS B 211 -1.97 3.65 49.04
CA LYS B 211 -2.15 5.09 48.88
C LYS B 211 -0.84 5.86 48.66
N SER B 212 0.26 5.35 49.21
CA SER B 212 1.60 5.89 48.89
C SER B 212 2.14 5.36 47.55
N ARG B 213 1.58 4.25 47.06
CA ARG B 213 1.80 3.79 45.68
C ARG B 213 0.98 4.69 44.77
N ILE B 214 -0.33 4.70 44.99
CA ILE B 214 -1.24 5.55 44.23
C ILE B 214 -0.74 6.98 44.09
N SER B 215 -0.19 7.52 45.17
CA SER B 215 0.45 8.84 45.13
C SER B 215 1.47 8.95 43.96
N GLU B 216 2.39 7.98 43.86
CA GLU B 216 3.42 7.98 42.79
C GLU B 216 2.84 7.86 41.39
N ILE B 217 1.82 7.03 41.23
CA ILE B 217 1.15 6.79 39.95
C ILE B 217 0.56 8.07 39.39
N ILE B 218 -0.11 8.81 40.27
CA ILE B 218 -0.75 10.07 39.91
C ILE B 218 0.31 11.14 39.64
N ASP B 219 1.29 11.25 40.53
CA ASP B 219 2.42 12.18 40.33
C ASP B 219 3.22 11.88 39.05
N SER B 220 3.33 10.59 38.71
CA SER B 220 3.89 10.18 37.43
C SER B 220 3.04 10.69 36.27
N ARG B 221 1.72 10.51 36.39
CA ARG B 221 0.82 10.97 35.34
C ARG B 221 1.01 12.48 35.11
N ARG B 222 0.94 13.25 36.19
CA ARG B 222 1.09 14.71 36.13
C ARG B 222 2.34 15.12 35.36
N ARG B 223 3.47 14.51 35.72
CA ARG B 223 4.75 14.76 35.05
C ARG B 223 4.63 14.62 33.53
N LEU B 224 3.97 13.56 33.08
CA LEU B 224 3.68 13.37 31.65
C LEU B 224 2.73 14.45 31.15
N GLU B 225 1.63 14.68 31.88
CA GLU B 225 0.64 15.68 31.49
C GLU B 225 1.25 17.06 31.21
N GLU B 226 2.19 17.50 32.05
CA GLU B 226 2.90 18.79 31.79
C GLU B 226 3.99 18.65 30.70
N ASP B 227 4.58 17.46 30.55
CA ASP B 227 5.44 17.16 29.38
C ASP B 227 4.65 17.26 28.07
N LEU B 228 3.37 16.88 28.14
CA LEU B 228 2.45 17.01 27.00
C LEU B 228 2.15 18.45 26.66
N LYS B 229 1.96 19.30 27.68
CA LYS B 229 1.72 20.75 27.47
C LYS B 229 2.89 21.42 26.74
N LYS B 230 4.11 21.29 27.28
CA LYS B 230 5.32 21.78 26.60
C LYS B 230 5.34 21.22 25.18
N GLN B 231 5.18 19.90 25.07
CA GLN B 231 5.19 19.21 23.78
C GLN B 231 4.13 19.77 22.82
N ALA B 232 2.93 20.03 23.34
CA ALA B 232 1.85 20.64 22.54
C ALA B 232 2.22 22.07 22.08
N ALA B 233 2.65 22.90 23.02
CA ALA B 233 3.04 24.27 22.69
C ALA B 233 4.23 24.27 21.73
N GLU B 234 5.26 23.50 22.05
CA GLU B 234 6.44 23.31 21.19
C GLU B 234 6.03 22.77 19.81
N TYR B 235 5.03 21.88 19.79
CA TYR B 235 4.49 21.37 18.53
C TYR B 235 3.92 22.52 17.71
N ARG B 236 2.84 23.13 18.21
CA ARG B 236 2.14 24.25 17.54
C ARG B 236 3.10 25.31 17.00
N GLU B 237 4.17 25.59 17.75
CA GLU B 237 5.21 26.52 17.34
C GLU B 237 5.98 26.11 16.08
N ILE B 238 6.15 24.81 15.85
CA ILE B 238 6.77 24.32 14.61
C ILE B 238 5.86 24.63 13.43
N ASP B 239 4.58 24.28 13.57
CA ASP B 239 3.51 24.59 12.60
C ASP B 239 3.44 26.10 12.33
N LYS B 240 3.66 26.90 13.37
CA LYS B 240 3.68 28.36 13.25
C LYS B 240 4.81 28.83 12.34
N ARG B 241 6.02 28.32 12.60
CA ARG B 241 7.22 28.77 11.88
C ARG B 241 7.30 28.28 10.42
N MET B 242 6.66 27.15 10.11
CA MET B 242 6.53 26.67 8.73
C MET B 242 5.66 27.59 7.86
N ASN B 243 4.62 28.17 8.45
CA ASN B 243 3.68 29.06 7.73
C ASN B 243 4.31 30.37 7.26
N SER B 244 5.36 30.82 7.95
CA SER B 244 6.20 31.90 7.46
C SER B 244 7.12 31.44 6.31
N ILE B 245 7.66 30.23 6.44
CA ILE B 245 8.61 29.69 5.44
C ILE B 245 7.96 29.43 4.08
N LYS B 246 6.75 28.89 4.06
CA LYS B 246 6.09 28.50 2.80
C LYS B 246 6.07 29.62 1.73
N PRO B 247 5.39 30.75 2.01
CA PRO B 247 5.31 31.81 0.99
C PRO B 247 6.67 32.46 0.68
N ASP B 248 7.50 32.66 1.72
CA ASP B 248 8.91 33.07 1.58
C ASP B 248 9.62 32.15 0.59
N LEU B 249 9.46 30.84 0.79
CA LEU B 249 10.16 29.82 -0.01
C LEU B 249 9.65 29.70 -1.46
N ILE B 250 8.42 30.15 -1.71
CA ILE B 250 7.82 30.18 -3.07
C ILE B 250 8.30 31.38 -3.90
N GLN B 251 8.37 32.57 -3.27
CA GLN B 251 8.97 33.77 -3.88
C GLN B 251 10.37 33.47 -4.42
N LEU B 252 11.20 32.89 -3.56
CA LEU B 252 12.57 32.49 -3.91
C LEU B 252 12.68 31.43 -5.00
N ARG B 253 11.64 30.61 -5.19
CA ARG B 253 11.57 29.65 -6.30
C ARG B 253 11.11 30.30 -7.62
N LYS B 254 10.23 31.30 -7.53
CA LYS B 254 9.72 32.01 -8.72
C LYS B 254 10.77 32.90 -9.36
N THR B 255 11.46 33.70 -8.54
CA THR B 255 12.59 34.54 -8.98
C THR B 255 13.89 33.74 -9.26
N ARG B 256 13.87 32.43 -8.98
CA ARG B 256 14.84 31.47 -9.53
C ARG B 256 14.51 31.14 -10.98
N ASP B 257 13.23 30.90 -11.27
CA ASP B 257 12.77 30.52 -12.62
C ASP B 257 12.63 31.68 -13.63
N GLN B 258 12.85 32.91 -13.17
CA GLN B 258 13.03 34.05 -14.07
C GLN B 258 14.51 34.27 -14.42
N TYR B 259 15.40 33.95 -13.48
CA TYR B 259 16.85 33.93 -13.74
C TYR B 259 17.25 32.65 -14.50
N LEU B 260 16.35 31.68 -14.56
CA LEU B 260 16.44 30.56 -15.52
C LEU B 260 16.29 31.07 -16.97
N MET B 261 15.28 31.92 -17.20
CA MET B 261 14.94 32.48 -18.55
C MET B 261 16.12 32.96 -19.40
N TRP B 262 17.10 33.61 -18.76
CA TRP B 262 18.20 34.27 -19.44
C TRP B 262 19.17 33.24 -20.02
N LYS B 272 23.42 22.22 -19.71
CA LYS B 272 23.82 23.49 -20.30
C LYS B 272 24.65 24.32 -19.33
N LEU B 273 25.14 25.47 -19.82
CA LEU B 273 25.97 26.43 -19.06
C LEU B 273 25.92 26.25 -17.53
N ASN B 274 24.74 26.51 -16.94
CA ASN B 274 24.46 26.33 -15.50
C ASN B 274 25.63 26.67 -14.53
N GLU B 275 26.21 25.64 -13.88
CA GLU B 275 27.26 25.79 -12.85
C GLU B 275 26.97 26.81 -11.72
N TRP B 276 25.70 27.17 -11.55
CA TRP B 276 25.24 28.25 -10.65
C TRP B 276 26.06 29.54 -10.78
N1 EPE C . -43.00 8.30 -1.87
C2 EPE C . -42.76 6.97 -1.30
C3 EPE C . -41.38 6.88 -0.67
N4 EPE C . -40.36 7.11 -1.72
C5 EPE C . -40.54 8.48 -2.22
C6 EPE C . -41.93 8.68 -2.82
C7 EPE C . -38.99 6.93 -1.17
C8 EPE C . -38.65 5.46 -0.85
O8 EPE C . -39.48 4.51 -1.54
C9 EPE C . -44.31 8.25 -2.53
C10 EPE C . -44.78 9.62 -2.96
S EPE C . -46.42 9.58 -3.24
O1S EPE C . -46.76 8.40 -4.09
O2S EPE C . -46.84 10.81 -3.93
O3S EPE C . -47.13 9.47 -1.94
N16 70S D . -12.52 -20.36 -12.06
C2 70S D . -12.83 -19.05 -11.86
C3 70S D . -14.16 -18.63 -11.93
C4 70S D . -14.47 -17.28 -11.73
C14 70S D . -15.74 -16.64 -11.76
N13 70S D . -15.51 -15.33 -11.50
N12 70S D . -14.11 -15.17 -11.31
C5 70S D . -13.46 -16.37 -11.46
C6 70S D . -12.13 -16.78 -11.37
C1 70S D . -11.81 -18.13 -11.58
C4 FB1 E . 3.95 -19.03 20.88
CL1 FB1 E . 0.98 -21.52 19.78
C3 FB1 E . 3.49 -18.45 22.06
C2 FB1 E . 2.24 -18.78 22.58
C1 FB1 E . 1.42 -19.72 21.92
C6 FB1 E . 1.90 -20.30 20.74
C5 FB1 E . 3.15 -19.96 20.23
S FB1 E . -0.03 -20.09 22.56
N FB1 E . -1.15 -19.53 21.69
O1 FB1 E . -0.18 -19.55 23.94
O2 FB1 E . -0.21 -21.56 22.65
C4 FB1 F . -6.14 21.13 30.30
CL1 FB1 F . -7.99 18.16 28.22
C3 FB1 F . -6.50 22.30 29.63
C2 FB1 F . -7.33 22.23 28.50
C1 FB1 F . -7.81 20.99 28.04
C6 FB1 F . -7.44 19.81 28.72
C5 FB1 F . -6.60 19.89 29.85
S FB1 F . -8.76 20.94 26.74
N FB1 F . -8.94 22.33 26.13
O1 FB1 F . -10.10 20.44 27.14
O2 FB1 F . -8.21 20.05 25.71
#